data_1KER
#
_entry.id   1KER
#
_cell.length_a   61.225
_cell.length_b   96.151
_cell.length_c   182.888
_cell.angle_alpha   90.00
_cell.angle_beta   90.00
_cell.angle_gamma   90.00
#
_symmetry.space_group_name_H-M   'P 21 21 21'
#
loop_
_entity.id
_entity.type
_entity.pdbx_description
1 polymer 'dTDP-D-glucose 4,6-dehydratase'
2 non-polymer 'SULFATE ION'
3 non-polymer "2'DEOXY-THYMIDINE-5'-DIPHOSPHO-ALPHA-D-GLUCOSE"
4 non-polymer NICOTINAMIDE-ADENINE-DINUCLEOTIDE
5 water water
#
_entity_poly.entity_id   1
_entity_poly.type   'polypeptide(L)'
_entity_poly.pdbx_seq_one_letter_code
;MSQFKNIIVTGGAGFIGSNFVHYVYNNHPDVHVTVLDKLTYAGNKANLEAILGDRVELVVGDIADAELVDKLAAKADAIV
HYAAESHNDNSLNDPSPFIHTNFIGTYTLLEAARKYDIRFHHVSTDEVYGDLPLREDLPGHGEGPGEKFTAETNYNPSSP
YSSTKAASDLIVKAWVRSFGVKATISNCSNNYGPYQHIEKFIPRQITNILAGIKPKLYGEGKNVRDWIHTNDHSTGVWAI
LTKGRMGETYLIGADGEKNNKEVLELILEKMGQPKDAYDHVTDRAGHDLRYAIDASKLRDELGWTPQFTDFSEGLEETIQ
WYTDNQDWWKAEKEAVEANYAKTQEVIK
;
_entity_poly.pdbx_strand_id   A,B
#
# COMPACT_ATOMS: atom_id res chain seq x y z
N GLN A 3 2.71 20.11 23.36
CA GLN A 3 1.24 20.15 23.50
C GLN A 3 0.63 18.76 23.71
N PHE A 4 1.42 17.84 24.24
CA PHE A 4 0.97 16.47 24.54
C PHE A 4 1.66 16.06 25.83
N LYS A 5 0.92 15.39 26.72
CA LYS A 5 1.47 14.98 28.00
C LYS A 5 1.62 13.48 28.23
N ASN A 6 0.86 12.68 27.49
CA ASN A 6 0.90 11.22 27.62
C ASN A 6 0.93 10.57 26.25
N ILE A 7 2.11 10.45 25.68
CA ILE A 7 2.23 9.86 24.36
C ILE A 7 2.68 8.40 24.39
N ILE A 8 2.21 7.66 23.40
CA ILE A 8 2.60 6.26 23.25
C ILE A 8 3.64 6.28 22.14
N VAL A 9 4.77 5.63 22.36
CA VAL A 9 5.79 5.55 21.33
C VAL A 9 5.96 4.07 21.02
N THR A 10 5.41 3.62 19.89
CA THR A 10 5.53 2.22 19.51
C THR A 10 6.94 2.03 18.95
N GLY A 11 7.48 0.83 19.16
CA GLY A 11 8.83 0.54 18.68
C GLY A 11 9.89 1.37 19.39
N GLY A 12 9.56 1.86 20.59
CA GLY A 12 10.49 2.67 21.36
C GLY A 12 11.70 1.95 21.94
N ALA A 13 11.77 0.63 21.80
CA ALA A 13 12.91 -0.10 22.32
C ALA A 13 13.87 -0.43 21.18
N GLY A 14 13.58 0.12 20.01
CA GLY A 14 14.42 -0.09 18.84
C GLY A 14 15.43 1.02 18.63
N PHE A 15 16.03 1.10 17.45
CA PHE A 15 17.03 2.12 17.15
C PHE A 15 16.54 3.56 17.13
N ILE A 16 15.78 3.91 16.11
CA ILE A 16 15.28 5.28 15.98
C ILE A 16 14.28 5.64 17.06
N GLY A 17 13.41 4.70 17.39
CA GLY A 17 12.41 4.92 18.41
C GLY A 17 13.01 5.20 19.78
N SER A 18 13.97 4.38 20.21
CA SER A 18 14.60 4.59 21.50
C SER A 18 15.30 5.95 21.56
N ASN A 19 15.90 6.35 20.44
CA ASN A 19 16.57 7.65 20.40
C ASN A 19 15.52 8.77 20.55
N PHE A 20 14.33 8.55 20.01
CA PHE A 20 13.26 9.55 20.14
C PHE A 20 12.84 9.61 21.61
N VAL A 21 12.76 8.45 22.26
CA VAL A 21 12.38 8.40 23.67
C VAL A 21 13.41 9.17 24.52
N HIS A 22 14.69 8.97 24.23
CA HIS A 22 15.76 9.67 24.96
C HIS A 22 15.60 11.17 24.75
N TYR A 23 15.27 11.57 23.52
CA TYR A 23 15.08 12.97 23.20
C TYR A 23 13.96 13.58 24.05
N VAL A 24 12.82 12.89 24.14
CA VAL A 24 11.69 13.39 24.92
C VAL A 24 12.03 13.44 26.41
N TYR A 25 12.74 12.41 26.88
CA TYR A 25 13.14 12.28 28.26
C TYR A 25 14.02 13.46 28.68
N ASN A 26 14.93 13.86 27.78
CA ASN A 26 15.87 14.96 28.01
C ASN A 26 15.30 16.35 27.84
N ASN A 27 14.65 16.58 26.71
CA ASN A 27 14.13 17.90 26.39
C ASN A 27 12.70 18.22 26.76
N HIS A 28 11.89 17.20 27.06
CA HIS A 28 10.50 17.43 27.43
C HIS A 28 10.13 16.58 28.65
N PRO A 29 10.81 16.83 29.79
CA PRO A 29 10.58 16.09 31.04
C PRO A 29 9.17 16.19 31.62
N ASP A 30 8.32 17.01 31.02
CA ASP A 30 6.95 17.15 31.50
C ASP A 30 6.01 16.20 30.76
N VAL A 31 6.57 15.51 29.76
CA VAL A 31 5.80 14.56 28.96
C VAL A 31 6.00 13.13 29.44
N HIS A 32 4.91 12.39 29.59
CA HIS A 32 5.03 10.99 30.01
C HIS A 32 5.04 10.15 28.74
N VAL A 33 5.98 9.21 28.66
CA VAL A 33 6.07 8.37 27.49
C VAL A 33 5.81 6.90 27.83
N THR A 34 4.91 6.28 27.08
CA THR A 34 4.61 4.87 27.28
C THR A 34 5.07 4.17 26.02
N VAL A 35 6.12 3.38 26.15
CA VAL A 35 6.67 2.64 25.01
C VAL A 35 5.95 1.31 24.83
N LEU A 36 5.45 1.06 23.62
CA LEU A 36 4.80 -0.21 23.32
C LEU A 36 5.76 -0.91 22.37
N ASP A 37 6.46 -1.92 22.87
CA ASP A 37 7.41 -2.65 22.05
C ASP A 37 7.32 -4.14 22.28
N LYS A 38 7.34 -4.90 21.19
CA LYS A 38 7.22 -6.36 21.23
C LYS A 38 8.53 -7.06 21.58
N LEU A 39 9.62 -6.31 21.51
CA LEU A 39 10.94 -6.85 21.79
C LEU A 39 11.28 -8.04 20.89
N THR A 40 11.28 -7.79 19.58
CA THR A 40 11.64 -8.81 18.60
C THR A 40 13.17 -8.84 18.67
N TYR A 41 13.81 -9.49 17.70
CA TYR A 41 15.27 -9.57 17.67
C TYR A 41 15.85 -8.15 17.71
N ALA A 42 15.08 -7.18 17.21
CA ALA A 42 15.52 -5.78 17.14
C ALA A 42 15.22 -4.92 18.37
N GLY A 43 14.30 -5.36 19.22
CA GLY A 43 13.98 -4.58 20.42
C GLY A 43 14.96 -4.87 21.54
N ASN A 44 15.39 -3.83 22.25
CA ASN A 44 16.36 -4.03 23.33
C ASN A 44 16.09 -3.17 24.55
N LYS A 45 15.81 -3.81 25.67
CA LYS A 45 15.55 -3.10 26.91
C LYS A 45 16.73 -2.21 27.33
N ALA A 46 17.94 -2.63 26.97
CA ALA A 46 19.13 -1.84 27.30
C ALA A 46 19.07 -0.45 26.68
N ASN A 47 18.29 -0.32 25.61
CA ASN A 47 18.15 0.96 24.93
C ASN A 47 17.33 1.95 25.77
N LEU A 48 16.61 1.44 26.76
CA LEU A 48 15.77 2.29 27.61
C LEU A 48 16.01 2.13 29.11
N GLU A 49 16.57 1.00 29.52
CA GLU A 49 16.78 0.71 30.93
C GLU A 49 17.23 1.86 31.83
N ALA A 50 18.23 2.62 31.40
CA ALA A 50 18.73 3.73 32.20
C ALA A 50 17.76 4.87 32.42
N ILE A 51 16.80 5.05 31.51
CA ILE A 51 15.86 6.15 31.65
C ILE A 51 14.43 5.78 32.01
N LEU A 52 14.19 4.50 32.31
CA LEU A 52 12.86 4.06 32.69
C LEU A 52 12.54 4.65 34.06
N GLY A 53 11.33 5.14 34.23
CA GLY A 53 10.93 5.74 35.49
C GLY A 53 9.59 6.43 35.38
N ASP A 54 9.44 7.57 36.05
CA ASP A 54 8.20 8.33 36.03
C ASP A 54 7.92 8.93 34.65
N ARG A 55 8.99 9.29 33.94
CA ARG A 55 8.83 9.86 32.61
C ARG A 55 8.63 8.78 31.54
N VAL A 56 9.31 7.65 31.70
CA VAL A 56 9.21 6.60 30.69
C VAL A 56 8.91 5.21 31.24
N GLU A 57 7.90 4.56 30.68
CA GLU A 57 7.56 3.20 31.08
C GLU A 57 7.55 2.32 29.83
N LEU A 58 7.90 1.05 30.03
CA LEU A 58 7.94 0.10 28.93
C LEU A 58 6.84 -0.93 29.06
N VAL A 59 6.07 -1.11 28.00
CA VAL A 59 5.01 -2.11 27.97
C VAL A 59 5.37 -3.06 26.84
N VAL A 60 5.58 -4.33 27.18
CA VAL A 60 5.94 -5.34 26.20
C VAL A 60 4.69 -5.89 25.54
N GLY A 61 4.59 -5.71 24.23
CA GLY A 61 3.43 -6.20 23.51
C GLY A 61 3.46 -5.90 22.03
N ASP A 62 2.49 -6.45 21.31
CA ASP A 62 2.38 -6.30 19.87
C ASP A 62 1.39 -5.17 19.52
N ILE A 63 1.75 -4.33 18.55
CA ILE A 63 0.85 -3.25 18.14
C ILE A 63 -0.38 -3.83 17.44
N ALA A 64 -0.32 -5.11 17.11
CA ALA A 64 -1.44 -5.79 16.45
C ALA A 64 -2.37 -6.37 17.52
N ASP A 65 -1.98 -6.24 18.78
CA ASP A 65 -2.79 -6.73 19.91
C ASP A 65 -3.83 -5.64 20.19
N ALA A 66 -4.96 -5.72 19.49
CA ALA A 66 -6.04 -4.73 19.63
C ALA A 66 -6.48 -4.44 21.06
N GLU A 67 -6.60 -5.49 21.87
CA GLU A 67 -7.01 -5.30 23.25
C GLU A 67 -5.99 -4.49 24.04
N LEU A 68 -4.71 -4.80 23.88
CA LEU A 68 -3.67 -4.08 24.60
C LEU A 68 -3.62 -2.63 24.09
N VAL A 69 -3.59 -2.47 22.78
CA VAL A 69 -3.55 -1.14 22.18
C VAL A 69 -4.71 -0.28 22.68
N ASP A 70 -5.90 -0.85 22.78
CA ASP A 70 -7.06 -0.10 23.24
C ASP A 70 -6.87 0.37 24.68
N LYS A 71 -6.32 -0.50 25.52
CA LYS A 71 -6.08 -0.19 26.92
C LYS A 71 -5.11 1.00 27.06
N LEU A 72 -4.05 0.99 26.25
CA LEU A 72 -3.05 2.06 26.29
C LEU A 72 -3.55 3.34 25.62
N ALA A 73 -4.22 3.19 24.48
CA ALA A 73 -4.72 4.33 23.74
C ALA A 73 -5.75 5.12 24.54
N ALA A 74 -6.46 4.44 25.43
CA ALA A 74 -7.47 5.10 26.25
C ALA A 74 -6.85 6.08 27.24
N LYS A 75 -5.56 5.96 27.47
CA LYS A 75 -4.86 6.83 28.42
C LYS A 75 -3.85 7.77 27.77
N ALA A 76 -3.86 7.85 26.44
CA ALA A 76 -2.90 8.69 25.76
C ALA A 76 -3.54 9.82 24.98
N ASP A 77 -2.73 10.82 24.62
CA ASP A 77 -3.21 11.93 23.83
C ASP A 77 -2.48 11.99 22.50
N ALA A 78 -1.62 11.00 22.26
CA ALA A 78 -0.88 10.93 20.99
C ALA A 78 -0.11 9.63 20.83
N ILE A 79 0.03 9.21 19.57
CA ILE A 79 0.77 8.00 19.26
C ILE A 79 1.83 8.33 18.21
N VAL A 80 3.08 8.07 18.55
CA VAL A 80 4.19 8.27 17.61
C VAL A 80 4.58 6.84 17.27
N HIS A 81 4.32 6.47 16.02
CA HIS A 81 4.52 5.11 15.55
C HIS A 81 5.81 4.70 14.83
N TYR A 82 6.75 4.12 15.57
CA TYR A 82 8.03 3.65 15.01
C TYR A 82 8.04 2.14 14.80
N ALA A 83 7.23 1.41 15.56
CA ALA A 83 7.18 -0.04 15.47
C ALA A 83 7.14 -0.61 14.05
N ALA A 84 8.07 -1.50 13.74
CA ALA A 84 8.10 -2.10 12.41
C ALA A 84 9.25 -3.09 12.23
N GLU A 85 9.11 -3.95 11.24
CA GLU A 85 10.16 -4.87 10.84
C GLU A 85 10.86 -3.91 9.89
N SER A 86 12.14 -3.63 10.11
CA SER A 86 12.83 -2.63 9.30
C SER A 86 13.95 -3.04 8.37
N HIS A 87 14.25 -4.33 8.27
CA HIS A 87 15.36 -4.74 7.43
C HIS A 87 15.00 -5.36 6.09
N ASN A 88 15.47 -4.71 5.01
CA ASN A 88 15.22 -5.19 3.66
C ASN A 88 15.64 -6.66 3.48
N ASP A 89 16.85 -6.98 3.92
CA ASP A 89 17.37 -8.34 3.78
C ASP A 89 16.50 -9.38 4.51
N ASN A 90 15.99 -9.02 5.69
CA ASN A 90 15.11 -9.95 6.41
C ASN A 90 13.78 -10.08 5.67
N SER A 91 13.32 -8.99 5.06
CA SER A 91 12.05 -9.02 4.34
C SER A 91 12.14 -9.93 3.13
N LEU A 92 13.34 -10.07 2.58
CA LEU A 92 13.55 -10.92 1.42
C LEU A 92 13.59 -12.40 1.83
N ASN A 93 14.04 -12.67 3.05
CA ASN A 93 14.11 -14.05 3.53
C ASN A 93 12.78 -14.54 4.07
N ASP A 94 12.04 -13.66 4.75
CA ASP A 94 10.74 -14.02 5.30
C ASP A 94 9.89 -12.77 5.51
N PRO A 95 9.03 -12.46 4.54
CA PRO A 95 8.16 -11.29 4.61
C PRO A 95 6.95 -11.34 5.56
N SER A 96 6.62 -12.53 6.07
CA SER A 96 5.45 -12.66 6.95
C SER A 96 5.39 -11.67 8.10
N PRO A 97 6.49 -11.48 8.85
CA PRO A 97 6.40 -10.52 9.96
C PRO A 97 6.23 -9.07 9.49
N PHE A 98 6.68 -8.79 8.26
CA PHE A 98 6.55 -7.45 7.72
C PHE A 98 5.09 -7.14 7.41
N ILE A 99 4.40 -8.12 6.82
CA ILE A 99 2.99 -7.99 6.50
C ILE A 99 2.22 -7.74 7.79
N HIS A 100 2.51 -8.55 8.80
CA HIS A 100 1.85 -8.46 10.10
C HIS A 100 2.07 -7.16 10.88
N THR A 101 3.33 -6.84 11.13
CA THR A 101 3.65 -5.65 11.90
C THR A 101 3.47 -4.33 11.15
N ASN A 102 4.06 -4.21 9.97
CA ASN A 102 3.97 -2.98 9.21
C ASN A 102 2.57 -2.60 8.74
N PHE A 103 1.79 -3.55 8.23
CA PHE A 103 0.46 -3.21 7.76
C PHE A 103 -0.64 -3.44 8.81
N ILE A 104 -0.81 -4.67 9.25
CA ILE A 104 -1.83 -4.97 10.25
C ILE A 104 -1.59 -4.17 11.53
N GLY A 105 -0.33 -4.04 11.92
CA GLY A 105 -0.01 -3.28 13.12
C GLY A 105 -0.43 -1.83 12.98
N THR A 106 -0.11 -1.22 11.84
CA THR A 106 -0.47 0.17 11.59
C THR A 106 -1.99 0.33 11.58
N TYR A 107 -2.67 -0.60 10.93
CA TYR A 107 -4.12 -0.57 10.85
C TYR A 107 -4.71 -0.61 12.26
N THR A 108 -4.18 -1.50 13.09
CA THR A 108 -4.66 -1.63 14.46
C THR A 108 -4.53 -0.32 15.22
N LEU A 109 -3.38 0.34 15.07
CA LEU A 109 -3.15 1.60 15.76
C LEU A 109 -4.07 2.71 15.23
N LEU A 110 -4.30 2.73 13.93
CA LEU A 110 -5.17 3.74 13.33
C LEU A 110 -6.58 3.67 13.90
N GLU A 111 -7.10 2.46 14.04
CA GLU A 111 -8.45 2.28 14.58
C GLU A 111 -8.53 2.76 16.01
N ALA A 112 -7.46 2.54 16.77
CA ALA A 112 -7.43 3.00 18.16
C ALA A 112 -7.43 4.53 18.16
N ALA A 113 -6.61 5.13 17.29
CA ALA A 113 -6.53 6.58 17.19
C ALA A 113 -7.89 7.14 16.76
N ARG A 114 -8.57 6.42 15.87
CA ARG A 114 -9.87 6.85 15.39
C ARG A 114 -10.88 6.78 16.53
N LYS A 115 -10.86 5.68 17.27
CA LYS A 115 -11.78 5.48 18.38
C LYS A 115 -11.66 6.56 19.46
N TYR A 116 -10.44 6.89 19.85
CA TYR A 116 -10.23 7.91 20.88
C TYR A 116 -9.96 9.29 20.33
N ASP A 117 -9.93 9.41 19.00
CA ASP A 117 -9.69 10.69 18.34
C ASP A 117 -8.45 11.38 18.89
N ILE A 118 -7.31 10.71 18.81
CA ILE A 118 -6.06 11.28 19.30
C ILE A 118 -5.05 11.43 18.17
N ARG A 119 -4.04 12.26 18.43
CA ARG A 119 -2.99 12.54 17.46
C ARG A 119 -2.21 11.28 17.09
N PHE A 120 -1.90 11.17 15.80
CA PHE A 120 -1.17 10.01 15.33
C PHE A 120 -0.09 10.43 14.34
N HIS A 121 1.16 10.16 14.66
CA HIS A 121 2.22 10.47 13.71
C HIS A 121 2.86 9.18 13.24
N HIS A 122 2.78 8.96 11.94
CA HIS A 122 3.31 7.77 11.30
C HIS A 122 4.77 7.96 10.86
N VAL A 123 5.68 7.22 11.48
CA VAL A 123 7.09 7.31 11.11
C VAL A 123 7.36 6.35 9.95
N SER A 124 7.73 6.89 8.80
CA SER A 124 7.99 6.04 7.66
C SER A 124 9.34 6.27 7.01
N THR A 125 9.53 5.71 5.83
CA THR A 125 10.81 5.75 5.13
C THR A 125 10.78 6.30 3.71
N ASP A 126 11.96 6.72 3.25
CA ASP A 126 12.07 7.24 1.90
C ASP A 126 12.03 6.09 0.89
N GLU A 127 12.13 4.86 1.38
CA GLU A 127 12.10 3.71 0.47
C GLU A 127 10.76 3.54 -0.24
N VAL A 128 9.71 4.17 0.28
CA VAL A 128 8.39 4.05 -0.34
C VAL A 128 8.39 4.60 -1.77
N TYR A 129 9.31 5.52 -2.05
CA TYR A 129 9.39 6.13 -3.38
C TYR A 129 10.19 5.31 -4.40
N GLY A 130 10.77 4.19 -3.97
CA GLY A 130 11.56 3.39 -4.89
C GLY A 130 12.99 3.91 -4.91
N ASP A 131 13.61 3.96 -6.08
CA ASP A 131 14.96 4.47 -6.16
C ASP A 131 15.19 5.45 -7.30
N LEU A 132 16.38 6.05 -7.31
CA LEU A 132 16.74 7.04 -8.32
C LEU A 132 18.04 6.66 -8.99
N PRO A 133 18.30 7.19 -10.19
CA PRO A 133 19.55 6.89 -10.91
C PRO A 133 20.68 7.62 -10.16
N LEU A 134 21.92 7.24 -10.43
CA LEU A 134 23.07 7.89 -9.79
C LEU A 134 23.18 9.31 -10.35
N ARG A 135 23.84 10.20 -9.61
CA ARG A 135 23.98 11.58 -10.05
C ARG A 135 24.67 11.69 -11.40
N GLU A 136 25.70 10.88 -11.61
CA GLU A 136 26.47 10.89 -12.86
C GLU A 136 25.60 10.58 -14.08
N ASP A 137 24.44 9.98 -13.85
CA ASP A 137 23.54 9.63 -14.95
C ASP A 137 22.32 10.53 -15.05
N LEU A 138 22.35 11.67 -14.37
CA LEU A 138 21.24 12.61 -14.41
C LEU A 138 21.67 13.92 -15.03
N PRO A 139 20.79 14.54 -15.83
CA PRO A 139 21.12 15.83 -16.47
C PRO A 139 21.40 16.95 -15.47
N GLY A 140 20.70 16.91 -14.34
CA GLY A 140 20.91 17.93 -13.32
C GLY A 140 21.90 17.50 -12.26
N HIS A 141 22.58 16.37 -12.50
CA HIS A 141 23.56 15.84 -11.57
C HIS A 141 23.00 15.65 -10.16
N GLY A 142 21.70 15.38 -10.09
CA GLY A 142 21.06 15.17 -8.80
C GLY A 142 20.40 16.40 -8.21
N GLU A 143 20.64 17.56 -8.82
CA GLU A 143 20.06 18.82 -8.33
C GLU A 143 18.85 19.29 -9.12
N GLY A 144 18.49 18.55 -10.18
CA GLY A 144 17.36 18.95 -10.98
C GLY A 144 16.02 18.41 -10.50
N PRO A 145 14.90 18.90 -11.06
CA PRO A 145 13.56 18.45 -10.68
C PRO A 145 13.41 16.95 -10.88
N GLY A 146 12.85 16.28 -9.88
CA GLY A 146 12.66 14.84 -9.96
C GLY A 146 13.91 14.03 -9.71
N GLU A 147 15.03 14.69 -9.46
CA GLU A 147 16.27 13.98 -9.21
C GLU A 147 16.48 13.65 -7.74
N LYS A 148 15.48 14.01 -6.94
CA LYS A 148 15.46 13.74 -5.50
C LYS A 148 14.00 13.50 -5.15
N PHE A 149 13.77 12.79 -4.04
CA PHE A 149 12.40 12.53 -3.60
C PHE A 149 11.80 13.79 -2.99
N THR A 150 10.52 14.03 -3.30
CA THR A 150 9.80 15.18 -2.74
C THR A 150 8.45 14.63 -2.29
N ALA A 151 7.64 15.47 -1.66
CA ALA A 151 6.33 15.04 -1.19
C ALA A 151 5.43 14.66 -2.37
N GLU A 152 5.82 15.06 -3.58
CA GLU A 152 5.02 14.75 -4.76
C GLU A 152 5.48 13.52 -5.53
N THR A 153 6.58 12.92 -5.08
CA THR A 153 7.11 11.73 -5.76
C THR A 153 6.14 10.56 -5.58
N ASN A 154 5.92 9.80 -6.64
CA ASN A 154 5.00 8.67 -6.55
C ASN A 154 5.61 7.51 -5.78
N TYR A 155 4.73 6.72 -5.17
CA TYR A 155 5.14 5.55 -4.42
C TYR A 155 5.53 4.48 -5.44
N ASN A 156 6.63 3.77 -5.17
CA ASN A 156 7.09 2.72 -6.06
C ASN A 156 8.09 1.82 -5.32
N PRO A 157 7.66 1.27 -4.17
CA PRO A 157 8.49 0.38 -3.33
C PRO A 157 9.00 -0.87 -4.05
N SER A 158 10.28 -1.18 -3.82
CA SER A 158 10.94 -2.31 -4.45
C SER A 158 10.90 -3.64 -3.69
N SER A 159 10.75 -3.59 -2.37
CA SER A 159 10.79 -4.82 -1.58
C SER A 159 9.62 -5.04 -0.62
N PRO A 160 9.56 -6.22 0.00
CA PRO A 160 8.49 -6.52 0.95
C PRO A 160 8.52 -5.51 2.09
N TYR A 161 9.71 -5.10 2.48
CA TYR A 161 9.85 -4.12 3.55
C TYR A 161 9.29 -2.76 3.14
N SER A 162 9.83 -2.21 2.06
CA SER A 162 9.39 -0.89 1.59
C SER A 162 7.95 -0.88 1.12
N SER A 163 7.47 -1.98 0.55
CA SER A 163 6.08 -2.03 0.10
C SER A 163 5.11 -2.09 1.27
N THR A 164 5.45 -2.80 2.35
CA THR A 164 4.55 -2.87 3.50
C THR A 164 4.56 -1.51 4.21
N LYS A 165 5.69 -0.81 4.18
CA LYS A 165 5.76 0.52 4.77
C LYS A 165 4.88 1.47 3.94
N ALA A 166 5.07 1.44 2.61
CA ALA A 166 4.29 2.29 1.70
C ALA A 166 2.80 1.99 1.87
N ALA A 167 2.46 0.72 1.99
CA ALA A 167 1.08 0.33 2.16
C ALA A 167 0.52 0.96 3.43
N SER A 168 1.32 1.00 4.49
CA SER A 168 0.86 1.57 5.75
C SER A 168 0.69 3.09 5.61
N ASP A 169 1.57 3.73 4.84
CA ASP A 169 1.47 5.16 4.59
C ASP A 169 0.11 5.42 3.93
N LEU A 170 -0.23 4.58 2.96
CA LEU A 170 -1.49 4.74 2.23
C LEU A 170 -2.75 4.64 3.09
N ILE A 171 -2.81 3.68 4.01
CA ILE A 171 -4.03 3.61 4.82
C ILE A 171 -4.07 4.75 5.83
N VAL A 172 -2.90 5.22 6.25
CA VAL A 172 -2.86 6.34 7.19
C VAL A 172 -3.55 7.54 6.55
N LYS A 173 -3.18 7.85 5.31
CA LYS A 173 -3.75 8.98 4.59
C LYS A 173 -5.25 8.77 4.30
N ALA A 174 -5.63 7.53 3.98
CA ALA A 174 -7.02 7.23 3.70
C ALA A 174 -7.86 7.41 4.96
N TRP A 175 -7.27 7.09 6.12
CA TRP A 175 -7.97 7.22 7.39
C TRP A 175 -8.17 8.69 7.73
N VAL A 176 -7.29 9.55 7.21
CA VAL A 176 -7.42 10.97 7.44
C VAL A 176 -8.57 11.50 6.60
N ARG A 177 -8.55 11.17 5.30
CA ARG A 177 -9.59 11.64 4.40
C ARG A 177 -10.96 11.07 4.70
N SER A 178 -11.02 9.78 4.98
CA SER A 178 -12.29 9.11 5.25
C SER A 178 -12.83 9.26 6.66
N PHE A 179 -11.96 9.29 7.66
CA PHE A 179 -12.43 9.37 9.04
C PHE A 179 -11.98 10.58 9.84
N GLY A 180 -11.19 11.45 9.21
CA GLY A 180 -10.73 12.62 9.93
C GLY A 180 -9.72 12.34 11.03
N VAL A 181 -9.00 11.22 10.93
CA VAL A 181 -7.98 10.90 11.93
C VAL A 181 -6.91 11.99 11.90
N LYS A 182 -6.49 12.46 13.07
CA LYS A 182 -5.48 13.52 13.17
C LYS A 182 -4.07 12.96 12.93
N ALA A 183 -3.78 12.58 11.69
CA ALA A 183 -2.48 12.00 11.39
C ALA A 183 -1.55 12.81 10.50
N THR A 184 -0.25 12.59 10.72
CA THR A 184 0.80 13.20 9.92
C THR A 184 1.76 12.06 9.59
N ILE A 185 2.55 12.24 8.54
CA ILE A 185 3.48 11.21 8.13
C ILE A 185 4.84 11.81 7.83
N SER A 186 5.89 11.03 8.12
CA SER A 186 7.23 11.47 7.81
C SER A 186 7.94 10.35 7.09
N ASN A 187 8.71 10.70 6.07
CA ASN A 187 9.48 9.71 5.33
C ASN A 187 10.92 10.17 5.45
N CYS A 188 11.69 9.39 6.18
CA CYS A 188 13.07 9.74 6.45
C CYS A 188 14.10 8.92 5.68
N SER A 189 15.26 9.53 5.46
CA SER A 189 16.37 8.89 4.76
C SER A 189 17.06 7.98 5.78
N ASN A 190 18.16 7.35 5.37
CA ASN A 190 18.91 6.43 6.23
C ASN A 190 19.46 7.03 7.52
N ASN A 191 19.01 6.49 8.65
CA ASN A 191 19.47 6.94 9.95
C ASN A 191 20.73 6.18 10.34
N TYR A 192 21.57 6.81 11.16
CA TYR A 192 22.77 6.17 11.68
C TYR A 192 23.01 6.80 13.05
N GLY A 193 23.79 6.12 13.89
CA GLY A 193 24.07 6.64 15.22
C GLY A 193 24.07 5.54 16.27
N PRO A 194 24.10 5.90 17.56
CA PRO A 194 24.11 4.94 18.66
C PRO A 194 22.85 4.08 18.69
N TYR A 195 22.99 2.87 19.20
CA TYR A 195 21.88 1.93 19.34
C TYR A 195 21.31 1.31 18.06
N GLN A 196 21.98 1.46 16.92
CA GLN A 196 21.45 0.85 15.71
C GLN A 196 21.88 -0.62 15.67
N HIS A 197 20.93 -1.51 15.39
CA HIS A 197 21.20 -2.95 15.34
C HIS A 197 22.33 -3.25 14.36
N ILE A 198 23.21 -4.17 14.76
CA ILE A 198 24.37 -4.54 13.96
C ILE A 198 24.11 -5.29 12.65
N GLU A 199 22.83 -5.47 12.30
CA GLU A 199 22.53 -6.13 11.03
C GLU A 199 22.59 -5.03 9.97
N LYS A 200 22.43 -3.78 10.40
CA LYS A 200 22.46 -2.64 9.48
C LYS A 200 23.87 -2.28 9.01
N PHE A 201 23.96 -1.75 7.79
CA PHE A 201 25.23 -1.39 7.15
C PHE A 201 26.35 -0.81 8.00
N ILE A 202 26.17 0.40 8.49
CA ILE A 202 27.23 1.05 9.26
C ILE A 202 27.63 0.31 10.53
N PRO A 203 26.67 0.01 11.42
CA PRO A 203 27.01 -0.70 12.65
C PRO A 203 27.69 -2.05 12.35
N ARG A 204 27.22 -2.74 11.31
CA ARG A 204 27.79 -4.03 10.95
C ARG A 204 29.27 -3.95 10.59
N GLN A 205 29.63 -2.97 9.77
CA GLN A 205 31.03 -2.81 9.38
C GLN A 205 31.88 -2.45 10.60
N ILE A 206 31.40 -1.49 11.38
CA ILE A 206 32.13 -1.05 12.55
C ILE A 206 32.39 -2.19 13.54
N THR A 207 31.33 -2.89 13.93
CA THR A 207 31.47 -3.97 14.89
C THR A 207 32.20 -5.19 14.33
N ASN A 208 32.14 -5.39 13.01
CA ASN A 208 32.87 -6.50 12.41
C ASN A 208 34.36 -6.23 12.59
N ILE A 209 34.77 -5.00 12.33
CA ILE A 209 36.17 -4.63 12.47
C ILE A 209 36.57 -4.83 13.93
N LEU A 210 35.73 -4.37 14.87
CA LEU A 210 36.03 -4.53 16.28
C LEU A 210 36.10 -5.99 16.69
N ALA A 211 35.35 -6.85 16.00
CA ALA A 211 35.33 -8.27 16.31
C ALA A 211 36.38 -9.06 15.51
N GLY A 212 37.16 -8.35 14.71
CA GLY A 212 38.18 -9.01 13.91
C GLY A 212 37.61 -9.69 12.69
N ILE A 213 36.42 -9.26 12.28
CA ILE A 213 35.75 -9.82 11.11
C ILE A 213 35.82 -8.82 9.97
N LYS A 214 35.88 -9.32 8.75
CA LYS A 214 35.96 -8.44 7.58
C LYS A 214 34.65 -7.70 7.30
N PRO A 215 34.73 -6.41 6.96
CA PRO A 215 33.50 -5.67 6.66
C PRO A 215 32.96 -6.30 5.37
N LYS A 216 31.66 -6.15 5.11
CA LYS A 216 31.06 -6.73 3.92
C LYS A 216 30.39 -5.67 3.05
N LEU A 217 30.74 -5.64 1.76
CA LEU A 217 30.18 -4.66 0.83
C LEU A 217 29.37 -5.35 -0.28
N TYR A 218 28.10 -4.97 -0.41
CA TYR A 218 27.24 -5.57 -1.45
C TYR A 218 27.74 -5.18 -2.83
N GLY A 219 28.10 -6.18 -3.63
CA GLY A 219 28.61 -5.90 -4.96
C GLY A 219 29.85 -5.02 -4.86
N GLU A 220 29.90 -3.96 -5.65
CA GLU A 220 31.03 -3.05 -5.62
C GLU A 220 30.71 -1.77 -4.83
N GLY A 221 29.54 -1.74 -4.21
CA GLY A 221 29.14 -0.59 -3.42
C GLY A 221 28.77 0.70 -4.13
N LYS A 222 28.14 0.61 -5.30
CA LYS A 222 27.75 1.80 -6.05
C LYS A 222 26.51 2.48 -5.47
N ASN A 223 25.70 1.71 -4.75
CA ASN A 223 24.45 2.22 -4.18
C ASN A 223 24.64 3.43 -3.28
N VAL A 224 23.72 4.38 -3.42
CA VAL A 224 23.75 5.63 -2.67
C VAL A 224 22.66 5.77 -1.63
N ARG A 225 23.07 6.16 -0.43
CA ARG A 225 22.12 6.37 0.65
C ARG A 225 22.30 7.79 1.18
N ASP A 226 21.20 8.42 1.57
CA ASP A 226 21.22 9.78 2.10
C ASP A 226 21.24 9.67 3.62
N TRP A 227 22.42 9.80 4.21
CA TRP A 227 22.58 9.65 5.64
C TRP A 227 22.20 10.83 6.54
N ILE A 228 21.51 10.50 7.63
CA ILE A 228 21.09 11.50 8.61
C ILE A 228 21.25 10.91 10.00
N HIS A 229 21.77 11.71 10.92
CA HIS A 229 21.95 11.25 12.29
C HIS A 229 20.57 11.13 12.95
N THR A 230 20.34 10.05 13.69
CA THR A 230 19.07 9.83 14.34
C THR A 230 18.62 11.01 15.21
N ASN A 231 19.58 11.74 15.77
CA ASN A 231 19.25 12.90 16.61
C ASN A 231 18.48 13.94 15.79
N ASP A 232 18.85 14.11 14.53
CA ASP A 232 18.15 15.08 13.68
C ASP A 232 16.79 14.53 13.28
N HIS A 233 16.67 13.21 13.21
CA HIS A 233 15.40 12.60 12.87
C HIS A 233 14.44 12.85 14.03
N SER A 234 14.95 12.73 15.26
CA SER A 234 14.14 12.94 16.46
C SER A 234 13.52 14.34 16.53
N THR A 235 14.32 15.37 16.30
CA THR A 235 13.80 16.73 16.35
C THR A 235 12.84 16.95 15.19
N GLY A 236 13.05 16.24 14.09
CA GLY A 236 12.17 16.37 12.94
C GLY A 236 10.78 15.86 13.27
N VAL A 237 10.73 14.67 13.87
CA VAL A 237 9.47 14.07 14.25
C VAL A 237 8.77 14.92 15.31
N TRP A 238 9.54 15.44 16.25
CA TRP A 238 8.96 16.26 17.30
C TRP A 238 8.32 17.52 16.70
N ALA A 239 9.00 18.12 15.73
CA ALA A 239 8.49 19.33 15.08
C ALA A 239 7.18 19.02 14.36
N ILE A 240 7.14 17.89 13.66
CA ILE A 240 5.93 17.50 12.93
C ILE A 240 4.79 17.16 13.89
N LEU A 241 5.11 16.41 14.94
CA LEU A 241 4.12 16.03 15.93
C LEU A 241 3.43 17.23 16.57
N THR A 242 4.23 18.23 16.96
CA THR A 242 3.72 19.41 17.62
C THR A 242 3.30 20.60 16.75
N LYS A 243 3.87 20.73 15.56
CA LYS A 243 3.53 21.87 14.70
C LYS A 243 3.08 21.51 13.29
N GLY A 244 3.05 20.23 12.96
CA GLY A 244 2.66 19.81 11.62
C GLY A 244 1.20 20.05 11.29
N ARG A 245 0.90 20.04 10.00
CA ARG A 245 -0.48 20.22 9.54
C ARG A 245 -1.08 18.83 9.34
N MET A 246 -2.26 18.61 9.87
CA MET A 246 -2.95 17.32 9.77
C MET A 246 -3.10 16.87 8.32
N GLY A 247 -2.79 15.60 8.07
CA GLY A 247 -2.91 15.05 6.73
C GLY A 247 -1.69 15.23 5.86
N GLU A 248 -0.72 16.00 6.33
CA GLU A 248 0.47 16.25 5.53
C GLU A 248 1.60 15.25 5.73
N THR A 249 2.39 15.08 4.67
CA THR A 249 3.53 14.18 4.67
C THR A 249 4.77 15.09 4.61
N TYR A 250 5.76 14.78 5.45
CA TYR A 250 6.99 15.54 5.48
C TYR A 250 8.17 14.60 5.25
N LEU A 251 9.12 15.05 4.43
CA LEU A 251 10.31 14.27 4.14
C LEU A 251 11.44 14.79 5.02
N ILE A 252 12.14 13.87 5.67
CA ILE A 252 13.23 14.24 6.55
C ILE A 252 14.55 13.75 5.96
N GLY A 253 15.46 14.69 5.73
CA GLY A 253 16.76 14.37 5.18
C GLY A 253 17.75 15.48 5.51
N ALA A 254 19.04 15.14 5.54
CA ALA A 254 20.07 16.12 5.86
C ALA A 254 21.04 16.38 4.71
N ASP A 255 20.65 16.01 3.49
CA ASP A 255 21.50 16.23 2.32
C ASP A 255 22.87 15.61 2.50
N GLY A 256 22.89 14.30 2.76
CA GLY A 256 24.15 13.62 2.96
C GLY A 256 24.31 12.36 2.14
N GLU A 257 24.15 12.47 0.83
CA GLU A 257 24.30 11.33 -0.07
C GLU A 257 25.73 10.81 -0.14
N LYS A 258 25.88 9.49 -0.05
CA LYS A 258 27.19 8.86 -0.15
C LYS A 258 26.99 7.43 -0.64
N ASN A 259 27.90 6.93 -1.47
CA ASN A 259 27.77 5.56 -1.93
C ASN A 259 28.35 4.68 -0.83
N ASN A 260 27.90 3.44 -0.76
CA ASN A 260 28.35 2.49 0.26
C ASN A 260 29.86 2.31 0.29
N LYS A 261 30.48 2.29 -0.88
CA LYS A 261 31.93 2.11 -0.96
C LYS A 261 32.70 3.20 -0.21
N GLU A 262 32.34 4.46 -0.43
CA GLU A 262 33.05 5.54 0.25
C GLU A 262 32.77 5.57 1.75
N VAL A 263 31.58 5.11 2.15
CA VAL A 263 31.25 5.08 3.58
C VAL A 263 32.12 4.01 4.24
N LEU A 264 32.21 2.85 3.61
CA LEU A 264 33.04 1.77 4.14
C LEU A 264 34.50 2.20 4.24
N GLU A 265 34.99 2.87 3.20
CA GLU A 265 36.38 3.33 3.17
C GLU A 265 36.66 4.32 4.29
N LEU A 266 35.71 5.20 4.56
CA LEU A 266 35.86 6.18 5.61
C LEU A 266 35.95 5.44 6.95
N ILE A 267 35.13 4.41 7.10
CA ILE A 267 35.12 3.60 8.32
C ILE A 267 36.47 2.91 8.51
N LEU A 268 36.97 2.29 7.43
CA LEU A 268 38.24 1.60 7.48
C LEU A 268 39.35 2.58 7.86
N GLU A 269 39.35 3.74 7.19
CA GLU A 269 40.33 4.77 7.45
C GLU A 269 40.30 5.20 8.92
N LYS A 270 39.12 5.57 9.40
CA LYS A 270 38.96 6.03 10.77
C LYS A 270 39.32 4.96 11.80
N MET A 271 39.20 3.69 11.43
CA MET A 271 39.52 2.63 12.37
C MET A 271 40.91 2.05 12.16
N GLY A 272 41.73 2.75 11.39
CA GLY A 272 43.10 2.32 11.14
C GLY A 272 43.28 1.04 10.34
N GLN A 273 42.31 0.71 9.50
CA GLN A 273 42.39 -0.50 8.69
C GLN A 273 42.77 -0.19 7.24
N PRO A 274 43.41 -1.15 6.56
CA PRO A 274 43.82 -0.98 5.16
C PRO A 274 42.57 -0.67 4.32
N LYS A 275 42.73 0.18 3.30
CA LYS A 275 41.61 0.54 2.45
C LYS A 275 40.96 -0.65 1.77
N ASP A 276 41.70 -1.74 1.63
CA ASP A 276 41.16 -2.93 0.96
C ASP A 276 40.92 -4.10 1.89
N ALA A 277 40.77 -3.86 3.19
CA ALA A 277 40.54 -4.93 4.15
C ALA A 277 39.05 -5.21 4.33
N TYR A 278 38.40 -5.66 3.26
CA TYR A 278 36.97 -5.96 3.31
C TYR A 278 36.62 -6.96 2.21
N ASP A 279 35.43 -7.54 2.30
CA ASP A 279 34.97 -8.50 1.29
C ASP A 279 33.80 -7.95 0.51
N HIS A 280 33.74 -8.30 -0.76
CA HIS A 280 32.63 -7.94 -1.62
C HIS A 280 31.75 -9.16 -1.38
N VAL A 281 30.44 -8.98 -1.24
CA VAL A 281 29.56 -10.11 -1.01
C VAL A 281 28.34 -10.04 -1.90
N THR A 282 27.62 -11.15 -1.97
CA THR A 282 26.41 -11.28 -2.77
C THR A 282 25.55 -10.02 -2.68
N ASP A 283 25.21 -9.44 -3.84
CA ASP A 283 24.40 -8.23 -3.85
C ASP A 283 22.94 -8.56 -3.51
N ARG A 284 22.21 -7.56 -3.06
CA ARG A 284 20.80 -7.71 -2.66
C ARG A 284 19.85 -7.74 -3.85
N ALA A 285 18.93 -8.70 -3.84
CA ALA A 285 17.94 -8.83 -4.92
C ALA A 285 17.08 -7.57 -4.99
N GLY A 286 16.91 -7.04 -6.19
CA GLY A 286 16.11 -5.84 -6.38
C GLY A 286 16.68 -4.61 -5.70
N HIS A 287 17.94 -4.69 -5.31
CA HIS A 287 18.65 -3.61 -4.61
C HIS A 287 18.35 -2.21 -5.15
N ASP A 288 17.91 -1.31 -4.27
CA ASP A 288 17.62 0.06 -4.67
C ASP A 288 18.92 0.80 -4.92
N LEU A 289 19.00 1.48 -6.05
CA LEU A 289 20.20 2.21 -6.47
C LEU A 289 20.55 3.42 -5.61
N ARG A 290 19.80 4.51 -5.76
CA ARG A 290 20.05 5.71 -5.01
C ARG A 290 18.82 6.31 -4.33
N TYR A 291 19.00 6.78 -3.10
CA TYR A 291 17.94 7.44 -2.33
C TYR A 291 18.45 8.86 -2.12
N ALA A 292 17.57 9.83 -2.22
CA ALA A 292 17.95 11.23 -2.04
C ALA A 292 16.71 12.01 -1.63
N ILE A 293 16.79 12.71 -0.50
CA ILE A 293 15.66 13.48 0.00
C ILE A 293 15.77 14.99 -0.13
N ASP A 294 14.69 15.60 -0.63
CA ASP A 294 14.60 17.05 -0.75
C ASP A 294 13.71 17.39 0.46
N ALA A 295 14.31 17.90 1.53
CA ALA A 295 13.56 18.22 2.74
C ALA A 295 13.13 19.68 2.85
N SER A 296 13.05 20.36 1.70
CA SER A 296 12.67 21.76 1.66
C SER A 296 11.36 22.07 2.39
N LYS A 297 10.38 21.20 2.26
CA LYS A 297 9.07 21.41 2.89
C LYS A 297 9.12 21.51 4.40
N LEU A 298 9.80 20.55 5.03
CA LEU A 298 9.94 20.54 6.48
C LEU A 298 10.72 21.75 6.97
N ARG A 299 11.79 22.09 6.25
CA ARG A 299 12.62 23.23 6.61
C ARG A 299 11.82 24.54 6.49
N ASP A 300 11.17 24.71 5.35
CA ASP A 300 10.38 25.91 5.07
C ASP A 300 9.19 26.13 6.01
N GLU A 301 8.35 25.11 6.14
CA GLU A 301 7.14 25.23 6.96
C GLU A 301 7.29 25.11 8.48
N LEU A 302 8.20 24.27 8.95
CA LEU A 302 8.34 24.11 10.40
C LEU A 302 9.64 24.66 10.98
N GLY A 303 10.52 25.16 10.13
CA GLY A 303 11.77 25.72 10.62
C GLY A 303 12.80 24.72 11.11
N TRP A 304 12.55 23.44 10.86
CA TRP A 304 13.46 22.38 11.27
C TRP A 304 14.78 22.48 10.49
N THR A 305 15.89 22.40 11.22
CA THR A 305 17.20 22.46 10.59
C THR A 305 18.07 21.38 11.21
N PRO A 306 18.65 20.50 10.37
CA PRO A 306 19.50 19.44 10.92
C PRO A 306 20.77 20.04 11.53
N GLN A 307 21.19 19.48 12.66
CA GLN A 307 22.39 19.94 13.36
C GLN A 307 23.63 19.11 13.08
N PHE A 308 23.42 17.84 12.75
CA PHE A 308 24.55 16.93 12.48
C PHE A 308 24.78 16.71 10.99
N THR A 309 25.20 17.77 10.31
CA THR A 309 25.45 17.69 8.88
C THR A 309 26.88 17.29 8.51
N ASP A 310 27.74 17.19 9.51
CA ASP A 310 29.13 16.78 9.27
C ASP A 310 29.19 15.26 9.48
N PHE A 311 29.08 14.53 8.38
CA PHE A 311 29.08 13.08 8.43
C PHE A 311 30.37 12.48 8.99
N SER A 312 31.49 13.05 8.59
CA SER A 312 32.79 12.56 9.07
C SER A 312 32.80 12.60 10.59
N GLU A 313 32.33 13.70 11.17
CA GLU A 313 32.31 13.83 12.62
C GLU A 313 31.24 12.94 13.24
N GLY A 314 30.09 12.83 12.57
CA GLY A 314 29.03 12.00 13.07
C GLY A 314 29.44 10.53 13.09
N LEU A 315 30.10 10.09 12.02
CA LEU A 315 30.56 8.71 11.90
C LEU A 315 31.64 8.40 12.94
N GLU A 316 32.55 9.33 13.15
CA GLU A 316 33.63 9.17 14.12
C GLU A 316 33.02 8.90 15.50
N GLU A 317 32.05 9.72 15.88
CA GLU A 317 31.40 9.56 17.18
C GLU A 317 30.62 8.26 17.26
N THR A 318 30.03 7.85 16.13
CA THR A 318 29.27 6.60 16.09
C THR A 318 30.24 5.44 16.28
N ILE A 319 31.37 5.48 15.57
CA ILE A 319 32.38 4.44 15.68
C ILE A 319 32.85 4.35 17.14
N GLN A 320 33.06 5.51 17.75
CA GLN A 320 33.52 5.55 19.13
C GLN A 320 32.48 4.96 20.09
N TRP A 321 31.20 5.17 19.79
CA TRP A 321 30.13 4.66 20.64
C TRP A 321 30.10 3.12 20.63
N TYR A 322 30.19 2.53 19.45
CA TYR A 322 30.18 1.07 19.36
C TYR A 322 31.46 0.49 19.96
N THR A 323 32.50 1.32 19.99
CA THR A 323 33.79 0.92 20.54
C THR A 323 33.72 0.96 22.07
N ASP A 324 33.04 1.97 22.58
CA ASP A 324 32.91 2.14 24.03
C ASP A 324 31.80 1.26 24.63
N ASN A 325 30.92 0.75 23.80
CA ASN A 325 29.80 -0.08 24.26
C ASN A 325 29.74 -1.44 23.59
N GLN A 326 30.85 -2.17 23.61
CA GLN A 326 30.91 -3.48 22.97
C GLN A 326 30.02 -4.53 23.62
N ASP A 327 29.79 -4.40 24.92
CA ASP A 327 28.93 -5.35 25.61
C ASP A 327 27.49 -5.19 25.11
N TRP A 328 27.18 -4.06 24.51
CA TRP A 328 25.83 -3.82 24.00
C TRP A 328 25.53 -4.67 22.77
N TRP A 329 26.55 -5.00 21.99
CA TRP A 329 26.34 -5.77 20.76
C TRP A 329 27.05 -7.11 20.63
N LYS A 330 28.07 -7.37 21.43
CA LYS A 330 28.82 -8.63 21.33
C LYS A 330 28.00 -9.92 21.36
N ALA A 331 26.97 -9.96 22.20
CA ALA A 331 26.14 -11.16 22.31
C ALA A 331 25.37 -11.48 21.02
N GLU A 332 25.35 -10.53 20.09
CA GLU A 332 24.62 -10.72 18.83
C GLU A 332 25.49 -10.92 17.59
N LYS A 333 26.75 -10.50 17.65
CA LYS A 333 27.64 -10.61 16.50
C LYS A 333 27.59 -11.96 15.78
N GLU A 334 27.90 -13.03 16.51
CA GLU A 334 27.91 -14.37 15.95
C GLU A 334 26.61 -14.75 15.26
N ALA A 335 25.49 -14.54 15.95
CA ALA A 335 24.18 -14.86 15.40
C ALA A 335 23.85 -14.07 14.13
N VAL A 336 24.14 -12.77 14.14
CA VAL A 336 23.84 -11.95 12.98
C VAL A 336 24.70 -12.33 11.78
N GLU A 337 25.99 -12.56 12.01
CA GLU A 337 26.86 -12.95 10.91
C GLU A 337 26.50 -14.35 10.41
N ALA A 338 26.11 -15.24 11.32
CA ALA A 338 25.73 -16.60 10.93
C ALA A 338 24.45 -16.55 10.10
N ASN A 339 23.53 -15.66 10.45
CA ASN A 339 22.30 -15.53 9.69
C ASN A 339 22.58 -15.06 8.27
N TYR A 340 23.46 -14.07 8.14
CA TYR A 340 23.82 -13.55 6.82
C TYR A 340 24.48 -14.61 5.95
N ALA A 341 25.32 -15.44 6.57
CA ALA A 341 26.03 -16.50 5.85
C ALA A 341 25.11 -17.45 5.11
N LYS A 342 23.86 -17.52 5.54
CA LYS A 342 22.90 -18.42 4.88
C LYS A 342 22.54 -17.92 3.48
N THR A 343 22.64 -16.61 3.27
CA THR A 343 22.27 -16.03 1.98
C THR A 343 23.37 -15.20 1.31
N GLN A 344 24.45 -14.94 2.02
CA GLN A 344 25.55 -14.16 1.45
C GLN A 344 26.87 -14.88 1.58
N GLU A 345 27.72 -14.70 0.58
CA GLU A 345 29.04 -15.30 0.61
C GLU A 345 29.98 -14.32 -0.08
N VAL A 346 31.28 -14.54 0.09
CA VAL A 346 32.27 -13.65 -0.51
C VAL A 346 32.31 -13.83 -2.02
N ILE A 347 32.35 -12.70 -2.73
CA ILE A 347 32.41 -12.74 -4.20
C ILE A 347 33.87 -12.96 -4.60
N LYS A 348 34.10 -13.93 -5.46
CA LYS A 348 35.44 -14.25 -5.94
C LYS A 348 35.36 -15.11 -7.19
N SER B 2 -4.63 -20.49 -26.10
CA SER B 2 -4.12 -19.94 -24.82
C SER B 2 -2.89 -20.69 -24.33
N GLN B 3 -1.92 -19.95 -23.81
CA GLN B 3 -0.70 -20.53 -23.29
C GLN B 3 -0.95 -21.12 -21.90
N PHE B 4 -1.99 -20.65 -21.23
CA PHE B 4 -2.33 -21.15 -19.90
C PHE B 4 -3.55 -22.07 -20.01
N LYS B 5 -3.36 -23.33 -19.61
CA LYS B 5 -4.42 -24.34 -19.73
C LYS B 5 -5.20 -24.63 -18.45
N ASN B 6 -4.65 -24.24 -17.30
CA ASN B 6 -5.31 -24.47 -16.02
C ASN B 6 -5.15 -23.25 -15.13
N ILE B 7 -6.12 -22.35 -15.20
CA ILE B 7 -6.04 -21.13 -14.42
C ILE B 7 -6.97 -21.11 -13.22
N ILE B 8 -6.60 -20.28 -12.24
CA ILE B 8 -7.40 -20.09 -11.05
C ILE B 8 -7.90 -18.66 -11.17
N VAL B 9 -9.19 -18.47 -10.95
CA VAL B 9 -9.77 -17.13 -10.99
C VAL B 9 -10.37 -16.92 -9.62
N THR B 10 -9.76 -16.05 -8.81
CA THR B 10 -10.30 -15.78 -7.48
C THR B 10 -11.41 -14.75 -7.64
N GLY B 11 -12.38 -14.79 -6.73
CA GLY B 11 -13.50 -13.86 -6.80
C GLY B 11 -14.35 -14.08 -8.04
N GLY B 12 -14.16 -15.25 -8.68
CA GLY B 12 -14.88 -15.59 -9.89
C GLY B 12 -16.39 -15.73 -9.77
N ALA B 13 -16.93 -15.66 -8.56
CA ALA B 13 -18.36 -15.80 -8.35
C ALA B 13 -18.97 -14.40 -8.20
N GLY B 14 -18.14 -13.38 -8.32
CA GLY B 14 -18.60 -12.01 -8.21
C GLY B 14 -19.03 -11.44 -9.54
N PHE B 15 -19.23 -10.13 -9.57
CA PHE B 15 -19.67 -9.45 -10.79
C PHE B 15 -18.68 -9.51 -11.96
N ILE B 16 -17.56 -8.82 -11.83
CA ILE B 16 -16.56 -8.78 -12.89
C ILE B 16 -15.86 -10.11 -13.12
N GLY B 17 -15.59 -10.83 -12.04
CA GLY B 17 -14.92 -12.11 -12.15
C GLY B 17 -15.76 -13.15 -12.88
N SER B 18 -17.05 -13.24 -12.56
CA SER B 18 -17.89 -14.23 -13.23
C SER B 18 -17.97 -13.90 -14.72
N ASN B 19 -18.01 -12.61 -15.03
CA ASN B 19 -18.08 -12.20 -16.42
C ASN B 19 -16.83 -12.69 -17.14
N PHE B 20 -15.69 -12.61 -16.44
CA PHE B 20 -14.43 -13.06 -17.02
C PHE B 20 -14.44 -14.57 -17.24
N VAL B 21 -14.92 -15.33 -16.26
CA VAL B 21 -14.96 -16.78 -16.38
C VAL B 21 -15.84 -17.16 -17.57
N HIS B 22 -16.95 -16.44 -17.75
CA HIS B 22 -17.84 -16.70 -18.87
C HIS B 22 -17.10 -16.38 -20.18
N TYR B 23 -16.32 -15.31 -20.16
CA TYR B 23 -15.56 -14.91 -21.33
C TYR B 23 -14.59 -16.01 -21.72
N VAL B 24 -13.88 -16.54 -20.73
CA VAL B 24 -12.91 -17.60 -20.97
C VAL B 24 -13.63 -18.86 -21.48
N TYR B 25 -14.75 -19.19 -20.85
CA TYR B 25 -15.48 -20.38 -21.27
C TYR B 25 -15.91 -20.30 -22.73
N ASN B 26 -16.43 -19.15 -23.13
CA ASN B 26 -16.90 -18.95 -24.50
C ASN B 26 -15.84 -18.66 -25.56
N ASN B 27 -14.69 -18.16 -25.15
CA ASN B 27 -13.67 -17.79 -26.12
C ASN B 27 -12.34 -18.53 -26.06
N HIS B 28 -12.14 -19.31 -25.01
CA HIS B 28 -10.89 -20.06 -24.86
C HIS B 28 -11.20 -21.44 -24.29
N PRO B 29 -11.83 -22.30 -25.11
CA PRO B 29 -12.23 -23.68 -24.77
C PRO B 29 -11.11 -24.59 -24.32
N ASP B 30 -9.86 -24.22 -24.61
CA ASP B 30 -8.73 -25.02 -24.21
C ASP B 30 -8.31 -24.71 -22.78
N VAL B 31 -9.03 -23.79 -22.13
CA VAL B 31 -8.70 -23.41 -20.77
C VAL B 31 -9.64 -23.95 -19.71
N HIS B 32 -9.07 -24.65 -18.73
CA HIS B 32 -9.87 -25.16 -17.62
C HIS B 32 -9.79 -24.08 -16.54
N VAL B 33 -10.93 -23.77 -15.92
CA VAL B 33 -10.95 -22.73 -14.90
C VAL B 33 -11.35 -23.23 -13.52
N THR B 34 -10.57 -22.85 -12.52
CA THR B 34 -10.87 -23.20 -11.15
C THR B 34 -11.15 -21.88 -10.47
N VAL B 35 -12.39 -21.70 -10.02
CA VAL B 35 -12.77 -20.47 -9.34
C VAL B 35 -12.62 -20.67 -7.84
N LEU B 36 -11.94 -19.75 -7.18
CA LEU B 36 -11.77 -19.80 -5.73
C LEU B 36 -12.51 -18.58 -5.24
N ASP B 37 -13.67 -18.81 -4.63
CA ASP B 37 -14.49 -17.72 -4.13
C ASP B 37 -15.08 -18.07 -2.77
N LYS B 38 -15.05 -17.10 -1.86
CA LYS B 38 -15.53 -17.27 -0.50
C LYS B 38 -17.05 -17.19 -0.39
N LEU B 39 -17.69 -16.71 -1.45
CA LEU B 39 -19.14 -16.55 -1.47
C LEU B 39 -19.63 -15.66 -0.32
N THR B 40 -19.08 -14.45 -0.25
CA THR B 40 -19.51 -13.50 0.76
C THR B 40 -20.87 -13.02 0.28
N TYR B 41 -21.37 -11.95 0.89
CA TYR B 41 -22.65 -11.37 0.50
C TYR B 41 -22.64 -11.07 -1.00
N ALA B 42 -21.45 -10.78 -1.53
CA ALA B 42 -21.30 -10.44 -2.95
C ALA B 42 -21.13 -11.64 -3.90
N GLY B 43 -20.66 -12.77 -3.37
CA GLY B 43 -20.48 -13.95 -4.19
C GLY B 43 -21.80 -14.65 -4.46
N ASN B 44 -22.03 -15.04 -5.71
CA ASN B 44 -23.28 -15.71 -6.08
C ASN B 44 -23.01 -16.84 -7.07
N LYS B 45 -23.24 -18.08 -6.63
CA LYS B 45 -23.01 -19.23 -7.48
C LYS B 45 -23.84 -19.17 -8.77
N ALA B 46 -25.03 -18.56 -8.68
CA ALA B 46 -25.90 -18.44 -9.85
C ALA B 46 -25.20 -17.70 -10.98
N ASN B 47 -24.15 -16.96 -10.65
CA ASN B 47 -23.40 -16.20 -11.65
C ASN B 47 -22.53 -17.15 -12.49
N LEU B 48 -22.32 -18.36 -11.99
CA LEU B 48 -21.49 -19.34 -12.68
C LEU B 48 -22.21 -20.64 -13.03
N GLU B 49 -23.37 -20.85 -12.40
CA GLU B 49 -24.13 -22.09 -12.57
C GLU B 49 -24.18 -22.68 -13.98
N ALA B 50 -24.52 -21.87 -14.98
CA ALA B 50 -24.62 -22.35 -16.35
C ALA B 50 -23.37 -23.05 -16.89
N ILE B 51 -22.20 -22.54 -16.55
CA ILE B 51 -20.95 -23.10 -17.05
C ILE B 51 -20.19 -24.02 -16.09
N LEU B 52 -20.74 -24.25 -14.91
CA LEU B 52 -20.05 -25.15 -13.98
C LEU B 52 -20.11 -26.56 -14.57
N GLY B 53 -19.00 -27.28 -14.48
CA GLY B 53 -18.92 -28.63 -15.02
C GLY B 53 -17.47 -29.03 -15.20
N ASP B 54 -17.17 -29.74 -16.29
CA ASP B 54 -15.80 -30.21 -16.54
C ASP B 54 -14.81 -29.09 -16.85
N ARG B 55 -15.31 -27.98 -17.41
CA ARG B 55 -14.45 -26.87 -17.81
C ARG B 55 -14.23 -25.85 -16.68
N VAL B 56 -15.25 -25.66 -15.84
CA VAL B 56 -15.15 -24.70 -14.75
C VAL B 56 -15.57 -25.31 -13.41
N GLU B 57 -14.67 -25.26 -12.44
CA GLU B 57 -14.95 -25.79 -11.12
C GLU B 57 -15.03 -24.65 -10.09
N LEU B 58 -15.97 -24.76 -9.17
CA LEU B 58 -16.11 -23.75 -8.13
C LEU B 58 -15.67 -24.32 -6.78
N VAL B 59 -14.61 -23.74 -6.23
CA VAL B 59 -14.07 -24.16 -4.94
C VAL B 59 -14.36 -23.04 -3.95
N VAL B 60 -15.18 -23.33 -2.93
CA VAL B 60 -15.53 -22.32 -1.93
C VAL B 60 -14.46 -22.22 -0.85
N GLY B 61 -13.81 -21.06 -0.79
CA GLY B 61 -12.76 -20.85 0.20
C GLY B 61 -12.25 -19.42 0.23
N ASP B 62 -11.36 -19.15 1.17
CA ASP B 62 -10.78 -17.83 1.36
C ASP B 62 -9.41 -17.77 0.70
N ILE B 63 -9.13 -16.66 0.00
CA ILE B 63 -7.83 -16.52 -0.64
C ILE B 63 -6.75 -16.34 0.42
N ALA B 64 -7.15 -16.14 1.67
CA ALA B 64 -6.20 -15.98 2.76
C ALA B 64 -5.90 -17.35 3.41
N ASP B 65 -6.55 -18.39 2.90
CA ASP B 65 -6.36 -19.75 3.38
C ASP B 65 -5.16 -20.33 2.64
N ALA B 66 -3.98 -20.16 3.21
CA ALA B 66 -2.73 -20.63 2.60
C ALA B 66 -2.72 -22.10 2.20
N GLU B 67 -3.28 -22.95 3.07
CA GLU B 67 -3.31 -24.39 2.78
C GLU B 67 -4.14 -24.67 1.53
N LEU B 68 -5.32 -24.05 1.44
CA LEU B 68 -6.19 -24.26 0.30
C LEU B 68 -5.57 -23.68 -0.97
N VAL B 69 -5.06 -22.46 -0.87
CA VAL B 69 -4.44 -21.81 -2.02
C VAL B 69 -3.25 -22.62 -2.55
N ASP B 70 -2.49 -23.21 -1.63
CA ASP B 70 -1.33 -24.01 -2.04
C ASP B 70 -1.75 -25.26 -2.78
N LYS B 71 -2.87 -25.84 -2.38
CA LYS B 71 -3.37 -27.05 -3.01
C LYS B 71 -3.83 -26.73 -4.43
N LEU B 72 -4.50 -25.59 -4.61
CA LEU B 72 -4.98 -25.20 -5.93
C LEU B 72 -3.85 -24.70 -6.81
N ALA B 73 -3.00 -23.85 -6.25
CA ALA B 73 -1.88 -23.27 -6.97
C ALA B 73 -0.95 -24.34 -7.53
N ALA B 74 -0.81 -25.44 -6.81
CA ALA B 74 0.06 -26.54 -7.24
C ALA B 74 -0.39 -27.19 -8.55
N LYS B 75 -1.66 -26.99 -8.92
CA LYS B 75 -2.19 -27.59 -10.15
C LYS B 75 -2.52 -26.54 -11.21
N ALA B 76 -2.09 -25.31 -10.99
CA ALA B 76 -2.39 -24.25 -11.94
C ALA B 76 -1.17 -23.67 -12.64
N ASP B 77 -1.41 -22.97 -13.76
CA ASP B 77 -0.33 -22.33 -14.49
C ASP B 77 -0.54 -20.83 -14.58
N ALA B 78 -1.54 -20.34 -13.85
CA ALA B 78 -1.84 -18.91 -13.81
C ALA B 78 -2.95 -18.58 -12.82
N ILE B 79 -2.86 -17.38 -12.25
CA ILE B 79 -3.87 -16.90 -11.30
C ILE B 79 -4.35 -15.52 -11.74
N VAL B 80 -5.65 -15.39 -11.93
CA VAL B 80 -6.23 -14.10 -12.29
C VAL B 80 -7.00 -13.75 -11.02
N HIS B 81 -6.54 -12.70 -10.34
CA HIS B 81 -7.08 -12.31 -9.04
C HIS B 81 -8.10 -11.17 -8.99
N TYR B 82 -9.37 -11.54 -8.87
CA TYR B 82 -10.48 -10.57 -8.77
C TYR B 82 -11.03 -10.50 -7.34
N ALA B 83 -10.79 -11.55 -6.55
CA ALA B 83 -11.30 -11.61 -5.18
C ALA B 83 -10.98 -10.36 -4.37
N ALA B 84 -12.02 -9.77 -3.77
CA ALA B 84 -11.83 -8.58 -2.95
C ALA B 84 -13.13 -8.03 -2.40
N GLU B 85 -13.01 -7.25 -1.33
CA GLU B 85 -14.15 -6.55 -0.75
C GLU B 85 -14.09 -5.34 -1.65
N SER B 86 -15.16 -5.06 -2.40
CA SER B 86 -15.11 -3.96 -3.35
C SER B 86 -16.02 -2.75 -3.18
N HIS B 87 -16.71 -2.63 -2.05
CA HIS B 87 -17.60 -1.49 -1.91
C HIS B 87 -17.12 -0.41 -0.96
N ASN B 88 -16.91 0.78 -1.50
CA ASN B 88 -16.45 1.93 -0.72
C ASN B 88 -17.32 2.16 0.51
N ASP B 89 -18.64 2.09 0.33
CA ASP B 89 -19.55 2.31 1.44
C ASP B 89 -19.40 1.27 2.56
N ASN B 90 -19.14 0.02 2.20
CA ASN B 90 -18.95 -1.01 3.21
C ASN B 90 -17.63 -0.78 3.93
N SER B 91 -16.62 -0.34 3.19
CA SER B 91 -15.29 -0.10 3.76
C SER B 91 -15.32 1.02 4.79
N LEU B 92 -16.14 2.04 4.55
CA LEU B 92 -16.25 3.16 5.48
C LEU B 92 -17.01 2.71 6.73
N ASN B 93 -17.85 1.69 6.57
CA ASN B 93 -18.65 1.17 7.68
C ASN B 93 -17.84 0.16 8.50
N ASP B 94 -17.08 -0.69 7.81
CA ASP B 94 -16.25 -1.68 8.48
C ASP B 94 -15.10 -2.11 7.58
N PRO B 95 -13.90 -1.55 7.82
CA PRO B 95 -12.67 -1.83 7.06
C PRO B 95 -12.07 -3.21 7.28
N SER B 96 -12.43 -3.85 8.39
CA SER B 96 -11.90 -5.17 8.74
C SER B 96 -11.75 -6.15 7.58
N PRO B 97 -12.87 -6.50 6.91
CA PRO B 97 -12.79 -7.44 5.79
C PRO B 97 -11.94 -6.95 4.62
N PHE B 98 -11.81 -5.64 4.47
CA PHE B 98 -11.01 -5.10 3.37
C PHE B 98 -9.53 -5.35 3.66
N ILE B 99 -9.14 -5.15 4.91
CA ILE B 99 -7.75 -5.36 5.33
C ILE B 99 -7.39 -6.83 5.10
N HIS B 100 -8.26 -7.72 5.55
CA HIS B 100 -8.07 -9.16 5.43
C HIS B 100 -8.02 -9.66 3.99
N THR B 101 -9.10 -9.43 3.26
CA THR B 101 -9.19 -9.90 1.89
C THR B 101 -8.31 -9.20 0.86
N ASN B 102 -8.38 -7.87 0.81
CA ASN B 102 -7.60 -7.15 -0.18
C ASN B 102 -6.09 -7.20 0.01
N PHE B 103 -5.60 -7.04 1.24
CA PHE B 103 -4.16 -7.07 1.47
C PHE B 103 -3.62 -8.44 1.83
N ILE B 104 -4.09 -9.02 2.94
CA ILE B 104 -3.60 -10.34 3.35
C ILE B 104 -3.89 -11.39 2.28
N GLY B 105 -5.06 -11.28 1.65
CA GLY B 105 -5.44 -12.21 0.60
C GLY B 105 -4.48 -12.14 -0.57
N THR B 106 -4.19 -10.94 -1.04
CA THR B 106 -3.28 -10.79 -2.17
C THR B 106 -1.91 -11.35 -1.79
N TYR B 107 -1.44 -11.00 -0.59
CA TYR B 107 -0.15 -11.47 -0.10
C TYR B 107 -0.10 -13.00 -0.13
N THR B 108 -1.17 -13.64 0.33
CA THR B 108 -1.23 -15.11 0.36
C THR B 108 -1.12 -15.69 -1.05
N LEU B 109 -1.82 -15.07 -2.00
CA LEU B 109 -1.78 -15.53 -3.38
C LEU B 109 -0.39 -15.33 -4.00
N LEU B 110 0.21 -14.18 -3.72
CA LEU B 110 1.55 -13.87 -4.25
C LEU B 110 2.58 -14.90 -3.82
N GLU B 111 2.51 -15.34 -2.56
CA GLU B 111 3.45 -16.32 -2.04
C GLU B 111 3.25 -17.67 -2.74
N ALA B 112 2.02 -17.99 -3.10
CA ALA B 112 1.74 -19.24 -3.79
C ALA B 112 2.32 -19.14 -5.21
N ALA B 113 2.10 -17.98 -5.85
CA ALA B 113 2.61 -17.75 -7.20
C ALA B 113 4.12 -17.80 -7.20
N ARG B 114 4.73 -17.26 -6.15
CA ARG B 114 6.17 -17.26 -6.02
C ARG B 114 6.65 -18.69 -5.83
N LYS B 115 5.98 -19.44 -4.96
CA LYS B 115 6.35 -20.82 -4.68
C LYS B 115 6.31 -21.72 -5.92
N TYR B 116 5.26 -21.59 -6.72
CA TYR B 116 5.12 -22.43 -7.91
C TYR B 116 5.61 -21.75 -9.18
N ASP B 117 6.06 -20.51 -9.04
CA ASP B 117 6.57 -19.75 -10.18
C ASP B 117 5.57 -19.74 -11.33
N ILE B 118 4.34 -19.31 -11.06
CA ILE B 118 3.33 -19.25 -12.10
C ILE B 118 2.86 -17.82 -12.37
N ARG B 119 2.26 -17.62 -13.54
CA ARG B 119 1.78 -16.32 -13.96
C ARG B 119 0.77 -15.77 -12.96
N PHE B 120 0.77 -14.46 -12.78
CA PHE B 120 -0.15 -13.83 -11.83
C PHE B 120 -0.64 -12.48 -12.35
N HIS B 121 -1.95 -12.32 -12.49
CA HIS B 121 -2.47 -11.03 -12.92
C HIS B 121 -3.36 -10.46 -11.84
N HIS B 122 -2.96 -9.30 -11.33
CA HIS B 122 -3.67 -8.60 -10.28
C HIS B 122 -4.72 -7.66 -10.88
N VAL B 123 -6.00 -7.90 -10.56
CA VAL B 123 -7.06 -7.05 -11.06
C VAL B 123 -7.29 -5.95 -10.05
N SER B 124 -7.10 -4.70 -10.46
CA SER B 124 -7.28 -3.60 -9.53
C SER B 124 -8.16 -2.48 -10.08
N THR B 125 -8.24 -1.39 -9.31
CA THR B 125 -9.10 -0.27 -9.65
C THR B 125 -8.39 1.05 -9.90
N ASP B 126 -9.08 1.96 -10.59
CA ASP B 126 -8.55 3.27 -10.89
C ASP B 126 -8.60 4.13 -9.62
N GLU B 127 -9.33 3.67 -8.62
CA GLU B 127 -9.46 4.42 -7.38
C GLU B 127 -8.16 4.51 -6.58
N VAL B 128 -7.15 3.73 -6.94
CA VAL B 128 -5.89 3.77 -6.23
C VAL B 128 -5.22 5.13 -6.46
N TYR B 129 -5.63 5.82 -7.53
CA TYR B 129 -5.07 7.12 -7.88
C TYR B 129 -5.76 8.29 -7.21
N GLY B 130 -6.79 8.01 -6.41
CA GLY B 130 -7.51 9.08 -5.75
C GLY B 130 -8.51 9.67 -6.74
N ASP B 131 -8.72 10.99 -6.69
CA ASP B 131 -9.68 11.59 -7.63
C ASP B 131 -9.12 12.79 -8.38
N LEU B 132 -9.87 13.24 -9.37
CA LEU B 132 -9.48 14.37 -10.21
C LEU B 132 -10.55 15.44 -10.18
N PRO B 133 -10.18 16.69 -10.56
CA PRO B 133 -11.15 17.79 -10.57
C PRO B 133 -12.05 17.59 -11.79
N LEU B 134 -13.20 18.26 -11.80
CA LEU B 134 -14.10 18.16 -12.95
C LEU B 134 -13.40 18.79 -14.15
N ARG B 135 -13.81 18.40 -15.35
CA ARG B 135 -13.20 18.93 -16.56
C ARG B 135 -13.32 20.46 -16.65
N GLU B 136 -14.47 21.00 -16.27
CA GLU B 136 -14.67 22.44 -16.34
C GLU B 136 -13.70 23.22 -15.45
N ASP B 137 -13.02 22.52 -14.54
CA ASP B 137 -12.07 23.17 -13.65
C ASP B 137 -10.62 22.84 -13.98
N LEU B 138 -10.39 22.23 -15.14
CA LEU B 138 -9.04 21.87 -15.56
C LEU B 138 -8.62 22.69 -16.76
N PRO B 139 -7.37 23.20 -16.75
CA PRO B 139 -6.89 24.02 -17.87
C PRO B 139 -6.96 23.32 -19.23
N GLY B 140 -6.93 22.00 -19.23
CA GLY B 140 -6.99 21.27 -20.48
C GLY B 140 -8.33 20.61 -20.75
N HIS B 141 -9.32 20.92 -19.90
CA HIS B 141 -10.65 20.36 -20.04
C HIS B 141 -10.63 18.82 -20.03
N GLY B 142 -9.69 18.24 -19.30
CA GLY B 142 -9.60 16.79 -19.23
C GLY B 142 -8.71 16.15 -20.28
N GLU B 143 -8.27 16.94 -21.25
CA GLU B 143 -7.42 16.45 -22.33
C GLU B 143 -5.94 16.68 -22.08
N GLY B 144 -5.62 17.47 -21.07
CA GLY B 144 -4.23 17.77 -20.78
C GLY B 144 -3.52 16.72 -19.96
N PRO B 145 -2.17 16.80 -19.89
CA PRO B 145 -1.36 15.85 -19.12
C PRO B 145 -1.78 15.82 -17.66
N GLY B 146 -1.99 14.63 -17.11
CA GLY B 146 -2.39 14.50 -15.73
C GLY B 146 -3.85 14.81 -15.45
N GLU B 147 -4.62 15.07 -16.51
CA GLU B 147 -6.04 15.37 -16.33
C GLU B 147 -6.87 14.10 -16.44
N LYS B 148 -6.17 12.99 -16.63
CA LYS B 148 -6.75 11.64 -16.70
C LYS B 148 -5.70 10.75 -16.06
N PHE B 149 -6.11 9.58 -15.59
CA PHE B 149 -5.16 8.66 -14.97
C PHE B 149 -4.34 7.94 -16.03
N THR B 150 -3.05 7.75 -15.75
CA THR B 150 -2.17 7.01 -16.66
C THR B 150 -1.35 6.05 -15.79
N ALA B 151 -0.54 5.22 -16.39
CA ALA B 151 0.28 4.27 -15.64
C ALA B 151 1.29 4.99 -14.76
N GLU B 152 1.53 6.28 -15.03
CA GLU B 152 2.49 7.06 -14.26
C GLU B 152 1.85 7.92 -13.17
N THR B 153 0.53 7.84 -13.04
CA THR B 153 -0.15 8.62 -12.02
C THR B 153 0.20 8.18 -10.61
N ASN B 154 0.35 9.14 -9.71
CA ASN B 154 0.68 8.86 -8.32
C ASN B 154 -0.47 8.15 -7.62
N TYR B 155 -0.13 7.20 -6.75
CA TYR B 155 -1.13 6.49 -5.97
C TYR B 155 -1.57 7.48 -4.89
N ASN B 156 -2.88 7.58 -4.66
CA ASN B 156 -3.38 8.50 -3.65
C ASN B 156 -4.81 8.14 -3.26
N PRO B 157 -5.02 6.89 -2.79
CA PRO B 157 -6.34 6.37 -2.39
C PRO B 157 -7.01 7.17 -1.27
N SER B 158 -8.33 7.32 -1.39
CA SER B 158 -9.12 8.09 -0.43
C SER B 158 -9.81 7.28 0.69
N SER B 159 -10.12 6.02 0.43
CA SER B 159 -10.84 5.23 1.42
C SER B 159 -10.19 3.90 1.81
N PRO B 160 -10.76 3.22 2.83
CA PRO B 160 -10.22 1.94 3.28
C PRO B 160 -10.22 0.97 2.09
N TYR B 161 -11.27 1.05 1.28
CA TYR B 161 -11.37 0.19 0.11
C TYR B 161 -10.24 0.49 -0.89
N SER B 162 -10.19 1.72 -1.39
CA SER B 162 -9.17 2.07 -2.37
C SER B 162 -7.75 1.98 -1.82
N SER B 163 -7.59 2.27 -0.53
CA SER B 163 -6.25 2.20 0.07
C SER B 163 -5.76 0.76 0.23
N THR B 164 -6.67 -0.17 0.53
CA THR B 164 -6.23 -1.56 0.66
C THR B 164 -5.95 -2.13 -0.73
N LYS B 165 -6.67 -1.66 -1.74
CA LYS B 165 -6.42 -2.13 -3.11
C LYS B 165 -5.06 -1.60 -3.56
N ALA B 166 -4.80 -0.31 -3.32
CA ALA B 166 -3.52 0.30 -3.71
C ALA B 166 -2.40 -0.45 -2.98
N ALA B 167 -2.65 -0.77 -1.71
CA ALA B 167 -1.68 -1.48 -0.91
C ALA B 167 -1.38 -2.84 -1.55
N SER B 168 -2.41 -3.51 -2.07
CA SER B 168 -2.21 -4.82 -2.71
C SER B 168 -1.40 -4.62 -3.99
N ASP B 169 -1.71 -3.56 -4.73
CA ASP B 169 -0.98 -3.25 -5.96
C ASP B 169 0.51 -3.10 -5.67
N LEU B 170 0.83 -2.39 -4.59
CA LEU B 170 2.23 -2.15 -4.20
C LEU B 170 3.04 -3.40 -3.89
N ILE B 171 2.48 -4.34 -3.13
CA ILE B 171 3.24 -5.54 -2.82
C ILE B 171 3.38 -6.40 -4.06
N VAL B 172 2.43 -6.32 -4.98
CA VAL B 172 2.51 -7.10 -6.22
C VAL B 172 3.76 -6.66 -6.97
N LYS B 173 3.90 -5.34 -7.15
CA LYS B 173 5.05 -4.80 -7.86
C LYS B 173 6.35 -5.12 -7.11
N ALA B 174 6.31 -5.07 -5.79
CA ALA B 174 7.50 -5.38 -5.00
C ALA B 174 7.87 -6.86 -5.16
N TRP B 175 6.87 -7.73 -5.24
CA TRP B 175 7.15 -9.15 -5.39
C TRP B 175 7.80 -9.40 -6.75
N VAL B 176 7.44 -8.59 -7.74
CA VAL B 176 8.02 -8.72 -9.07
C VAL B 176 9.50 -8.35 -9.01
N ARG B 177 9.78 -7.14 -8.53
CA ARG B 177 11.16 -6.67 -8.45
C ARG B 177 12.05 -7.50 -7.53
N SER B 178 11.56 -7.83 -6.34
CA SER B 178 12.34 -8.60 -5.38
C SER B 178 12.43 -10.11 -5.61
N PHE B 179 11.33 -10.72 -6.03
CA PHE B 179 11.31 -12.16 -6.23
C PHE B 179 11.16 -12.65 -7.67
N GLY B 180 10.94 -11.74 -8.60
CA GLY B 180 10.79 -12.17 -9.98
C GLY B 180 9.45 -12.82 -10.27
N VAL B 181 8.44 -12.51 -9.47
CA VAL B 181 7.11 -13.05 -9.71
C VAL B 181 6.62 -12.55 -11.07
N LYS B 182 5.99 -13.43 -11.85
CA LYS B 182 5.49 -13.08 -13.17
C LYS B 182 4.11 -12.43 -13.12
N ALA B 183 4.07 -11.23 -12.58
CA ALA B 183 2.80 -10.52 -12.43
C ALA B 183 2.64 -9.28 -13.29
N THR B 184 1.38 -8.96 -13.57
CA THR B 184 0.99 -7.79 -14.32
C THR B 184 -0.16 -7.21 -13.50
N ILE B 185 -0.44 -5.94 -13.69
CA ILE B 185 -1.53 -5.30 -12.95
C ILE B 185 -2.43 -4.52 -13.89
N SER B 186 -3.72 -4.52 -13.60
CA SER B 186 -4.65 -3.76 -14.41
C SER B 186 -5.48 -2.91 -13.45
N ASN B 187 -5.70 -1.66 -13.83
CA ASN B 187 -6.50 -0.74 -13.03
C ASN B 187 -7.54 -0.24 -13.98
N CYS B 188 -8.79 -0.60 -13.75
CA CYS B 188 -9.79 -0.12 -14.68
C CYS B 188 -10.86 0.76 -14.04
N SER B 189 -11.64 1.40 -14.90
CA SER B 189 -12.69 2.31 -14.49
C SER B 189 -13.94 1.55 -14.03
N ASN B 190 -15.01 2.31 -13.77
CA ASN B 190 -16.26 1.73 -13.30
C ASN B 190 -16.91 0.77 -14.29
N ASN B 191 -17.04 -0.49 -13.87
CA ASN B 191 -17.68 -1.52 -14.68
C ASN B 191 -19.17 -1.48 -14.45
N TYR B 192 -19.93 -1.82 -15.49
CA TYR B 192 -21.38 -1.89 -15.39
C TYR B 192 -21.79 -3.04 -16.28
N GLY B 193 -23.00 -3.54 -16.11
CA GLY B 193 -23.45 -4.65 -16.93
C GLY B 193 -24.18 -5.69 -16.12
N PRO B 194 -24.46 -6.86 -16.71
CA PRO B 194 -25.16 -7.96 -16.04
C PRO B 194 -24.41 -8.53 -14.84
N TYR B 195 -25.19 -8.98 -13.84
CA TYR B 195 -24.66 -9.59 -12.63
C TYR B 195 -23.99 -8.69 -11.60
N GLN B 196 -24.12 -7.38 -11.74
CA GLN B 196 -23.52 -6.50 -10.74
C GLN B 196 -24.41 -6.47 -9.50
N HIS B 197 -23.80 -6.58 -8.33
CA HIS B 197 -24.55 -6.58 -7.08
C HIS B 197 -25.36 -5.30 -6.94
N ILE B 198 -26.59 -5.44 -6.44
CA ILE B 198 -27.49 -4.30 -6.31
C ILE B 198 -27.06 -3.22 -5.33
N GLU B 199 -25.92 -3.41 -4.67
CA GLU B 199 -25.43 -2.39 -3.74
C GLU B 199 -24.73 -1.31 -4.55
N LYS B 200 -24.29 -1.66 -5.77
CA LYS B 200 -23.60 -0.70 -6.63
C LYS B 200 -24.53 0.29 -7.33
N PHE B 201 -24.00 1.47 -7.63
CA PHE B 201 -24.75 2.55 -8.25
C PHE B 201 -25.82 2.22 -9.30
N ILE B 202 -25.40 1.94 -10.52
CA ILE B 202 -26.34 1.64 -11.59
C ILE B 202 -27.35 0.55 -11.25
N PRO B 203 -26.88 -0.63 -10.78
CA PRO B 203 -27.84 -1.69 -10.44
C PRO B 203 -28.80 -1.32 -9.30
N ARG B 204 -28.35 -0.49 -8.38
CA ARG B 204 -29.21 -0.09 -7.28
C ARG B 204 -30.39 0.74 -7.77
N GLN B 205 -30.11 1.73 -8.63
CA GLN B 205 -31.16 2.59 -9.16
C GLN B 205 -32.15 1.79 -10.00
N ILE B 206 -31.64 0.94 -10.87
CA ILE B 206 -32.49 0.13 -11.74
C ILE B 206 -33.42 -0.78 -10.94
N THR B 207 -32.86 -1.59 -10.06
CA THR B 207 -33.67 -2.51 -9.26
C THR B 207 -34.57 -1.78 -8.27
N ASN B 208 -34.13 -0.65 -7.76
CA ASN B 208 -34.95 0.13 -6.83
C ASN B 208 -36.23 0.52 -7.57
N ILE B 209 -36.07 0.99 -8.80
CA ILE B 209 -37.22 1.38 -9.61
C ILE B 209 -38.14 0.19 -9.86
N LEU B 210 -37.55 -0.94 -10.25
CA LEU B 210 -38.33 -2.15 -10.51
C LEU B 210 -39.05 -2.61 -9.24
N ALA B 211 -38.45 -2.34 -8.09
CA ALA B 211 -39.02 -2.75 -6.81
C ALA B 211 -39.96 -1.70 -6.21
N GLY B 212 -40.23 -0.64 -6.95
CA GLY B 212 -41.11 0.41 -6.47
C GLY B 212 -40.47 1.30 -5.42
N ILE B 213 -39.14 1.40 -5.46
CA ILE B 213 -38.39 2.23 -4.53
C ILE B 213 -37.72 3.37 -5.30
N LYS B 214 -37.59 4.52 -4.67
CA LYS B 214 -36.98 5.67 -5.33
C LYS B 214 -35.45 5.55 -5.40
N PRO B 215 -34.87 5.94 -6.55
CA PRO B 215 -33.41 5.88 -6.73
C PRO B 215 -32.76 6.81 -5.70
N LYS B 216 -31.47 6.60 -5.44
CA LYS B 216 -30.75 7.42 -4.47
C LYS B 216 -29.51 8.07 -5.10
N LEU B 217 -29.41 9.39 -4.98
CA LEU B 217 -28.28 10.12 -5.54
C LEU B 217 -27.49 10.80 -4.42
N TYR B 218 -26.22 10.43 -4.26
CA TYR B 218 -25.37 11.03 -3.23
C TYR B 218 -25.12 12.51 -3.54
N GLY B 219 -25.50 13.37 -2.60
CA GLY B 219 -25.31 14.79 -2.81
C GLY B 219 -26.03 15.23 -4.08
N GLU B 220 -25.40 16.13 -4.82
CA GLU B 220 -25.98 16.64 -6.06
C GLU B 220 -25.65 15.77 -7.27
N GLY B 221 -24.84 14.73 -7.05
CA GLY B 221 -24.48 13.83 -8.13
C GLY B 221 -23.60 14.43 -9.20
N LYS B 222 -22.71 15.35 -8.82
CA LYS B 222 -21.82 15.98 -9.78
C LYS B 222 -20.59 15.10 -10.01
N ASN B 223 -20.39 14.12 -9.13
CA ASN B 223 -19.25 13.22 -9.24
C ASN B 223 -19.24 12.54 -10.61
N VAL B 224 -18.03 12.35 -11.16
CA VAL B 224 -17.88 11.74 -12.47
C VAL B 224 -17.19 10.38 -12.42
N ARG B 225 -17.74 9.44 -13.17
CA ARG B 225 -17.19 8.09 -13.25
C ARG B 225 -17.00 7.76 -14.72
N ASP B 226 -15.97 6.98 -15.02
CA ASP B 226 -15.64 6.57 -16.39
C ASP B 226 -16.19 5.15 -16.56
N TRP B 227 -17.33 5.03 -17.24
CA TRP B 227 -17.97 3.73 -17.42
C TRP B 227 -17.46 2.84 -18.53
N ILE B 228 -17.33 1.55 -18.20
CA ILE B 228 -16.88 0.55 -19.16
C ILE B 228 -17.71 -0.70 -18.94
N HIS B 229 -18.13 -1.33 -20.04
CA HIS B 229 -18.92 -2.54 -19.92
C HIS B 229 -18.01 -3.68 -19.50
N THR B 230 -18.45 -4.47 -18.53
CA THR B 230 -17.65 -5.58 -18.03
C THR B 230 -17.08 -6.48 -19.14
N ASN B 231 -17.78 -6.58 -20.27
CA ASN B 231 -17.28 -7.40 -21.37
C ASN B 231 -15.94 -6.87 -21.90
N ASP B 232 -15.79 -5.55 -21.95
CA ASP B 232 -14.54 -4.96 -22.44
C ASP B 232 -13.44 -5.11 -21.40
N HIS B 233 -13.82 -5.19 -20.13
CA HIS B 233 -12.84 -5.35 -19.06
C HIS B 233 -12.26 -6.76 -19.18
N SER B 234 -13.13 -7.71 -19.50
CA SER B 234 -12.71 -9.10 -19.67
C SER B 234 -11.69 -9.28 -20.79
N THR B 235 -11.94 -8.67 -21.94
CA THR B 235 -11.01 -8.79 -23.05
C THR B 235 -9.72 -8.04 -22.74
N GLY B 236 -9.84 -6.98 -21.95
CA GLY B 236 -8.66 -6.21 -21.58
C GLY B 236 -7.76 -7.06 -20.69
N VAL B 237 -8.36 -7.70 -19.69
CA VAL B 237 -7.61 -8.55 -18.77
C VAL B 237 -6.98 -9.71 -19.54
N TRP B 238 -7.72 -10.27 -20.49
CA TRP B 238 -7.18 -11.39 -21.25
C TRP B 238 -5.96 -10.97 -22.07
N ALA B 239 -6.02 -9.78 -22.65
CA ALA B 239 -4.90 -9.27 -23.45
C ALA B 239 -3.66 -9.11 -22.58
N ILE B 240 -3.86 -8.52 -21.39
CA ILE B 240 -2.75 -8.31 -20.46
C ILE B 240 -2.20 -9.64 -19.97
N LEU B 241 -3.08 -10.55 -19.59
CA LEU B 241 -2.68 -11.86 -19.11
C LEU B 241 -1.79 -12.61 -20.10
N THR B 242 -2.21 -12.64 -21.36
CA THR B 242 -1.47 -13.37 -22.39
C THR B 242 -0.37 -12.61 -23.15
N LYS B 243 -0.42 -11.28 -23.15
CA LYS B 243 0.58 -10.51 -23.88
C LYS B 243 1.22 -9.37 -23.10
N GLY B 244 0.77 -9.17 -21.87
CA GLY B 244 1.34 -8.09 -21.07
C GLY B 244 2.80 -8.27 -20.72
N ARG B 245 3.49 -7.16 -20.52
CA ARG B 245 4.91 -7.19 -20.15
C ARG B 245 4.99 -7.37 -18.64
N MET B 246 5.78 -8.36 -18.23
CA MET B 246 5.95 -8.67 -16.81
C MET B 246 6.32 -7.43 -15.99
N GLY B 247 5.62 -7.25 -14.88
CA GLY B 247 5.87 -6.11 -14.02
C GLY B 247 5.16 -4.82 -14.41
N GLU B 248 4.50 -4.81 -15.56
CA GLU B 248 3.82 -3.61 -16.02
C GLU B 248 2.36 -3.47 -15.57
N THR B 249 1.92 -2.22 -15.49
CA THR B 249 0.56 -1.90 -15.10
C THR B 249 -0.15 -1.38 -16.35
N TYR B 250 -1.39 -1.82 -16.56
CA TYR B 250 -2.17 -1.37 -17.71
C TYR B 250 -3.50 -0.82 -17.23
N LEU B 251 -3.88 0.34 -17.77
CA LEU B 251 -5.15 0.96 -17.41
C LEU B 251 -6.20 0.58 -18.43
N ILE B 252 -7.36 0.16 -17.93
CA ILE B 252 -8.46 -0.23 -18.80
C ILE B 252 -9.61 0.75 -18.64
N GLY B 253 -10.00 1.34 -19.76
CA GLY B 253 -11.09 2.30 -19.77
C GLY B 253 -11.63 2.40 -21.18
N ALA B 254 -12.87 2.87 -21.31
CA ALA B 254 -13.48 2.99 -22.64
C ALA B 254 -13.90 4.41 -22.97
N ASP B 255 -13.25 5.37 -22.32
CA ASP B 255 -13.54 6.79 -22.55
C ASP B 255 -15.04 7.07 -22.43
N GLY B 256 -15.61 6.80 -21.26
CA GLY B 256 -17.02 7.03 -21.06
C GLY B 256 -17.34 7.80 -19.80
N GLU B 257 -16.76 8.99 -19.64
CA GLU B 257 -17.00 9.82 -18.47
C GLU B 257 -18.43 10.39 -18.46
N LYS B 258 -19.08 10.31 -17.30
CA LYS B 258 -20.43 10.83 -17.11
C LYS B 258 -20.66 11.07 -15.62
N ASN B 259 -21.41 12.11 -15.27
CA ASN B 259 -21.69 12.38 -13.87
C ASN B 259 -22.86 11.50 -13.41
N ASN B 260 -22.91 11.19 -12.13
CA ASN B 260 -23.96 10.33 -11.58
C ASN B 260 -25.36 10.84 -11.90
N LYS B 261 -25.55 12.15 -11.77
CA LYS B 261 -26.84 12.76 -12.04
C LYS B 261 -27.30 12.43 -13.46
N GLU B 262 -26.39 12.64 -14.42
CA GLU B 262 -26.66 12.37 -15.82
C GLU B 262 -27.02 10.90 -16.06
N VAL B 263 -26.31 10.00 -15.37
CA VAL B 263 -26.56 8.57 -15.51
C VAL B 263 -27.93 8.19 -14.93
N LEU B 264 -28.22 8.70 -13.75
CA LEU B 264 -29.49 8.41 -13.08
C LEU B 264 -30.67 8.92 -13.90
N GLU B 265 -30.53 10.10 -14.48
CA GLU B 265 -31.59 10.68 -15.29
C GLU B 265 -31.87 9.78 -16.49
N LEU B 266 -30.79 9.25 -17.07
CA LEU B 266 -30.91 8.38 -18.23
C LEU B 266 -31.69 7.12 -17.85
N ILE B 267 -31.37 6.57 -16.68
CA ILE B 267 -32.05 5.36 -16.19
C ILE B 267 -33.54 5.65 -16.02
N LEU B 268 -33.85 6.77 -15.36
CA LEU B 268 -35.23 7.17 -15.14
C LEU B 268 -35.95 7.32 -16.48
N GLU B 269 -35.29 7.99 -17.42
CA GLU B 269 -35.85 8.22 -18.74
C GLU B 269 -36.10 6.91 -19.49
N LYS B 270 -35.10 6.02 -19.48
CA LYS B 270 -35.24 4.74 -20.16
C LYS B 270 -36.28 3.83 -19.51
N MET B 271 -36.53 4.06 -18.22
CA MET B 271 -37.50 3.24 -17.50
C MET B 271 -38.84 3.93 -17.35
N GLY B 272 -39.06 4.98 -18.16
CA GLY B 272 -40.31 5.72 -18.11
C GLY B 272 -40.70 6.28 -16.76
N GLN B 273 -39.77 6.99 -16.13
CA GLN B 273 -40.02 7.59 -14.82
C GLN B 273 -39.77 9.10 -14.88
N PRO B 274 -40.45 9.85 -14.01
CA PRO B 274 -40.28 11.30 -14.00
C PRO B 274 -38.80 11.66 -13.75
N LYS B 275 -38.38 12.81 -14.25
CA LYS B 275 -37.00 13.26 -14.09
C LYS B 275 -36.60 13.46 -12.63
N ASP B 276 -37.55 13.92 -11.82
CA ASP B 276 -37.27 14.16 -10.41
C ASP B 276 -37.75 13.03 -9.50
N ALA B 277 -38.06 11.89 -10.09
CA ALA B 277 -38.53 10.74 -9.31
C ALA B 277 -37.37 10.03 -8.63
N TYR B 278 -36.71 10.72 -7.71
CA TYR B 278 -35.58 10.17 -6.97
C TYR B 278 -35.29 11.03 -5.74
N ASP B 279 -34.38 10.56 -4.89
CA ASP B 279 -34.03 11.31 -3.69
C ASP B 279 -32.54 11.61 -3.62
N HIS B 280 -32.23 12.79 -3.08
CA HIS B 280 -30.84 13.20 -2.88
C HIS B 280 -30.59 12.63 -1.49
N VAL B 281 -29.47 11.96 -1.30
CA VAL B 281 -29.18 11.40 0.01
C VAL B 281 -27.80 11.79 0.55
N THR B 282 -27.59 11.48 1.82
CA THR B 282 -26.34 11.75 2.51
C THR B 282 -25.16 11.43 1.59
N ASP B 283 -24.29 12.40 1.36
CA ASP B 283 -23.14 12.18 0.50
C ASP B 283 -22.15 11.27 1.22
N ARG B 284 -21.32 10.57 0.45
CA ARG B 284 -20.32 9.65 1.00
C ARG B 284 -19.11 10.37 1.56
N ALA B 285 -18.67 9.96 2.75
CA ALA B 285 -17.51 10.57 3.39
C ALA B 285 -16.26 10.43 2.50
N GLY B 286 -15.53 11.53 2.34
CA GLY B 286 -14.34 11.53 1.51
C GLY B 286 -14.57 11.19 0.05
N HIS B 287 -15.84 11.22 -0.36
CA HIS B 287 -16.25 10.91 -1.72
C HIS B 287 -15.32 11.43 -2.82
N ASP B 288 -14.85 10.55 -3.69
CA ASP B 288 -13.97 10.96 -4.79
C ASP B 288 -14.79 11.71 -5.84
N LEU B 289 -14.23 12.81 -6.34
CA LEU B 289 -14.93 13.65 -7.31
C LEU B 289 -15.03 13.09 -8.73
N ARG B 290 -13.90 12.98 -9.43
CA ARG B 290 -13.91 12.47 -10.80
C ARG B 290 -12.82 11.44 -11.09
N TYR B 291 -13.19 10.41 -11.85
CA TYR B 291 -12.27 9.35 -12.27
C TYR B 291 -12.27 9.42 -13.80
N ALA B 292 -11.11 9.22 -14.40
CA ALA B 292 -10.97 9.25 -15.85
C ALA B 292 -9.74 8.46 -16.23
N ILE B 293 -9.89 7.53 -17.18
CA ILE B 293 -8.79 6.69 -17.59
C ILE B 293 -8.26 6.96 -18.99
N ASP B 294 -6.94 7.02 -19.09
CA ASP B 294 -6.26 7.18 -20.38
C ASP B 294 -5.72 5.76 -20.63
N ALA B 295 -6.40 5.02 -21.50
CA ALA B 295 -6.01 3.65 -21.81
C ALA B 295 -5.10 3.49 -23.02
N SER B 296 -4.36 4.56 -23.36
CA SER B 296 -3.46 4.52 -24.51
C SER B 296 -2.46 3.36 -24.50
N LYS B 297 -1.88 3.09 -23.34
CA LYS B 297 -0.90 2.03 -23.21
C LYS B 297 -1.46 0.67 -23.61
N LEU B 298 -2.62 0.32 -23.06
CA LEU B 298 -3.25 -0.96 -23.38
C LEU B 298 -3.63 -1.05 -24.85
N ARG B 299 -4.22 0.03 -25.37
CA ARG B 299 -4.63 0.08 -26.77
C ARG B 299 -3.44 -0.03 -27.70
N ASP B 300 -2.48 0.87 -27.53
CA ASP B 300 -1.29 0.94 -28.36
C ASP B 300 -0.34 -0.26 -28.28
N GLU B 301 -0.02 -0.69 -27.06
CA GLU B 301 0.91 -1.80 -26.88
C GLU B 301 0.35 -3.20 -27.02
N LEU B 302 -0.92 -3.40 -26.73
CA LEU B 302 -1.49 -4.74 -26.84
C LEU B 302 -2.56 -4.88 -27.91
N GLY B 303 -2.87 -3.79 -28.60
CA GLY B 303 -3.85 -3.82 -29.65
C GLY B 303 -5.28 -4.03 -29.20
N TRP B 304 -5.56 -3.69 -27.95
CA TRP B 304 -6.90 -3.85 -27.39
C TRP B 304 -7.78 -2.62 -27.67
N THR B 305 -9.07 -2.88 -27.92
CA THR B 305 -10.02 -1.80 -28.17
C THR B 305 -11.36 -2.22 -27.59
N PRO B 306 -12.04 -1.31 -26.86
CA PRO B 306 -13.35 -1.62 -26.27
C PRO B 306 -14.44 -1.72 -27.34
N GLN B 307 -15.33 -2.69 -27.20
CA GLN B 307 -16.40 -2.87 -28.16
C GLN B 307 -17.70 -2.20 -27.76
N PHE B 308 -17.92 -2.01 -26.47
CA PHE B 308 -19.14 -1.39 -25.97
C PHE B 308 -18.95 0.10 -25.62
N THR B 309 -18.77 0.92 -26.66
CA THR B 309 -18.56 2.35 -26.46
C THR B 309 -19.85 3.17 -26.41
N ASP B 310 -20.97 2.54 -26.75
CA ASP B 310 -22.27 3.24 -26.72
C ASP B 310 -22.93 2.98 -25.37
N PHE B 311 -22.68 3.89 -24.42
CA PHE B 311 -23.23 3.75 -23.08
C PHE B 311 -24.75 3.64 -23.05
N SER B 312 -25.44 4.51 -23.77
CA SER B 312 -26.89 4.47 -23.79
C SER B 312 -27.38 3.07 -24.12
N GLU B 313 -26.79 2.46 -25.14
CA GLU B 313 -27.17 1.11 -25.56
C GLU B 313 -26.77 0.08 -24.51
N GLY B 314 -25.58 0.25 -23.94
CA GLY B 314 -25.11 -0.69 -22.93
C GLY B 314 -26.01 -0.64 -21.70
N LEU B 315 -26.39 0.58 -21.32
CA LEU B 315 -27.26 0.76 -20.16
C LEU B 315 -28.63 0.16 -20.44
N GLU B 316 -29.11 0.36 -21.67
CA GLU B 316 -30.41 -0.17 -22.07
C GLU B 316 -30.44 -1.68 -21.85
N GLU B 317 -29.42 -2.36 -22.35
CA GLU B 317 -29.32 -3.81 -22.20
C GLU B 317 -29.20 -4.22 -20.74
N THR B 318 -28.49 -3.42 -19.95
CA THR B 318 -28.31 -3.71 -18.54
C THR B 318 -29.64 -3.59 -17.80
N ILE B 319 -30.41 -2.56 -18.14
CA ILE B 319 -31.71 -2.37 -17.52
C ILE B 319 -32.60 -3.56 -17.87
N GLN B 320 -32.49 -4.01 -19.12
CA GLN B 320 -33.29 -5.13 -19.58
C GLN B 320 -32.91 -6.40 -18.83
N TRP B 321 -31.62 -6.58 -18.58
CA TRP B 321 -31.15 -7.76 -17.88
C TRP B 321 -31.73 -7.84 -16.48
N TYR B 322 -31.65 -6.75 -15.73
CA TYR B 322 -32.18 -6.74 -14.37
C TYR B 322 -33.70 -6.87 -14.36
N THR B 323 -34.32 -6.57 -15.50
CA THR B 323 -35.78 -6.66 -15.63
C THR B 323 -36.19 -8.11 -15.90
N ASP B 324 -35.41 -8.82 -16.70
CA ASP B 324 -35.71 -10.21 -17.03
C ASP B 324 -35.11 -11.19 -16.02
N ASN B 325 -34.40 -10.69 -15.03
CA ASN B 325 -33.77 -11.54 -14.04
C ASN B 325 -34.02 -11.03 -12.62
N GLN B 326 -35.26 -10.67 -12.32
CA GLN B 326 -35.60 -10.16 -10.99
C GLN B 326 -35.44 -11.19 -9.88
N ASP B 327 -35.63 -12.46 -10.23
CA ASP B 327 -35.49 -13.54 -9.25
C ASP B 327 -34.05 -13.59 -8.76
N TRP B 328 -33.13 -13.09 -9.57
CA TRP B 328 -31.72 -13.08 -9.25
C TRP B 328 -31.38 -12.15 -8.09
N TRP B 329 -32.08 -11.03 -7.98
CA TRP B 329 -31.82 -10.04 -6.93
C TRP B 329 -32.95 -9.69 -5.96
N LYS B 330 -34.18 -10.03 -6.31
CA LYS B 330 -35.34 -9.71 -5.48
C LYS B 330 -35.21 -10.01 -3.98
N ALA B 331 -34.58 -11.13 -3.65
CA ALA B 331 -34.43 -11.52 -2.26
C ALA B 331 -33.37 -10.73 -1.48
N GLU B 332 -32.60 -9.91 -2.18
CA GLU B 332 -31.56 -9.12 -1.52
C GLU B 332 -31.92 -7.65 -1.33
N LYS B 333 -32.88 -7.18 -2.14
CA LYS B 333 -33.31 -5.80 -2.10
C LYS B 333 -33.55 -5.19 -0.71
N GLU B 334 -34.41 -5.82 0.09
CA GLU B 334 -34.73 -5.31 1.41
C GLU B 334 -33.52 -5.14 2.34
N ALA B 335 -32.68 -6.16 2.40
CA ALA B 335 -31.49 -6.11 3.25
C ALA B 335 -30.54 -4.99 2.82
N VAL B 336 -30.26 -4.93 1.52
CA VAL B 336 -29.37 -3.90 1.00
C VAL B 336 -29.84 -2.49 1.34
N GLU B 337 -31.12 -2.21 1.07
CA GLU B 337 -31.67 -0.88 1.35
C GLU B 337 -31.70 -0.61 2.85
N ALA B 338 -32.01 -1.63 3.63
CA ALA B 338 -32.06 -1.49 5.09
C ALA B 338 -30.68 -1.16 5.63
N ASN B 339 -29.65 -1.74 5.02
CA ASN B 339 -28.29 -1.48 5.45
C ASN B 339 -27.93 -0.02 5.15
N TYR B 340 -28.32 0.45 3.98
CA TYR B 340 -28.06 1.82 3.57
C TYR B 340 -28.80 2.83 4.45
N ALA B 341 -30.00 2.46 4.90
CA ALA B 341 -30.82 3.32 5.73
C ALA B 341 -30.11 3.67 7.03
N LYS B 342 -29.19 2.80 7.46
CA LYS B 342 -28.45 3.03 8.69
C LYS B 342 -27.50 4.23 8.62
N THR B 343 -27.09 4.61 7.41
CA THR B 343 -26.16 5.73 7.26
C THR B 343 -26.62 6.77 6.24
N GLN B 344 -27.68 6.47 5.51
CA GLN B 344 -28.20 7.39 4.51
C GLN B 344 -29.61 7.86 4.79
N GLU B 345 -29.81 9.16 4.67
CA GLU B 345 -31.11 9.76 4.89
C GLU B 345 -31.39 10.69 3.73
N VAL B 346 -32.67 10.92 3.43
CA VAL B 346 -33.01 11.80 2.34
C VAL B 346 -32.67 13.22 2.78
N ILE B 347 -31.73 13.86 2.10
CA ILE B 347 -31.36 15.23 2.43
C ILE B 347 -32.14 16.07 1.43
N LYS B 348 -32.27 17.36 1.70
CA LYS B 348 -33.02 18.28 0.83
C LYS B 348 -33.63 17.61 -0.41
#